data_4QGR
#
_entry.id   4QGR
#
_cell.length_a   47.690
_cell.length_b   92.060
_cell.length_c   86.410
_cell.angle_alpha   90.000
_cell.angle_beta   96.820
_cell.angle_gamma   90.000
#
_symmetry.space_group_name_H-M   'P 1 21 1'
#
loop_
_entity.id
_entity.type
_entity.pdbx_description
1 polymer 'DegT/DnrJ/EryC1/StrS aminotransferase'
2 non-polymer 'MAGNESIUM ION'
3 non-polymer 'ACETATE ION'
4 non-polymer "PYRIDOXAL-5'-PHOSPHATE"
5 water water
#
_entity_poly.entity_id   1
_entity_poly.type   'polypeptide(L)'
_entity_poly.pdbx_seq_one_letter_code
;MAHHHHHHMQFIDLGAQRARIENRLNAAISKVVAEGRYILGPEVAEFEKKLGEYLGVEHVIACANGTDALQMPLMTRGIG
PGHAVFVPSFTFAATAEVVALVGAEPVFVDVDPDSYNMNVEQLEAAIAATIKEGRLEPKAIIPVDLFGLAASYNRITAIA
EREGLFIIEDAAQSIGGKRDNVMCGAFGHVGATSFYPAKPLGCYGDGGAMFTNDAELADTLRSVLFHGKGETQYDNVRIG
INSRLDTIQAAVLLEKLAILEDEMEARDRIARRYNEALKDVVKVPELPAGNRSAWAQYSIESENRDGLKAQLQAEGIPSV
IYYVKPLHLQTAYKHYSVAPGGLPVSESLPSRILSLPMHPYLSEADQDKIIGVIRGFHGKKA
;
_entity_poly.pdbx_strand_id   A,B
#
# COMPACT_ATOMS: atom_id res chain seq x y z
N HIS A 6 21.76 -33.79 6.73
CA HIS A 6 22.02 -32.47 7.42
C HIS A 6 20.72 -31.83 7.92
N HIS A 7 20.78 -31.27 9.13
CA HIS A 7 19.65 -30.53 9.68
C HIS A 7 20.10 -29.14 10.06
N HIS A 8 19.17 -28.19 9.89
CA HIS A 8 19.38 -26.87 10.43
C HIS A 8 18.07 -26.17 10.83
N MET A 9 18.31 -25.17 11.66
CA MET A 9 17.33 -24.36 12.34
C MET A 9 17.00 -23.14 11.50
N GLN A 10 15.79 -22.61 11.64
CA GLN A 10 15.43 -21.33 11.05
C GLN A 10 14.99 -20.39 12.19
N PHE A 11 15.28 -19.12 12.03
CA PHE A 11 14.80 -18.08 12.96
C PHE A 11 13.26 -18.04 13.05
N ILE A 12 12.60 -17.92 11.91
CA ILE A 12 11.14 -18.03 11.80
C ILE A 12 10.86 -18.89 10.56
N ASP A 13 10.34 -20.10 10.78
CA ASP A 13 10.37 -21.13 9.75
C ASP A 13 9.10 -21.16 8.92
N LEU A 14 9.05 -20.35 7.86
CA LEU A 14 7.86 -20.31 7.01
C LEU A 14 7.71 -21.61 6.22
N GLY A 15 8.83 -22.23 5.87
CA GLY A 15 8.76 -23.50 5.15
C GLY A 15 8.09 -24.64 5.90
N ALA A 16 8.37 -24.74 7.19
CA ALA A 16 7.81 -25.81 8.00
C ALA A 16 6.31 -25.61 8.17
N GLN A 17 5.93 -24.34 8.28
CA GLN A 17 4.53 -23.99 8.35
C GLN A 17 3.83 -24.32 7.04
N ARG A 18 4.43 -23.93 5.92
CA ARG A 18 3.84 -24.20 4.64
C ARG A 18 3.71 -25.72 4.45
N ALA A 19 4.75 -26.47 4.83
CA ALA A 19 4.65 -27.94 4.66
C ALA A 19 3.41 -28.51 5.36
N ARG A 20 3.06 -27.96 6.53
CA ARG A 20 1.95 -28.47 7.32
C ARG A 20 0.62 -28.39 6.57
N ILE A 21 0.48 -27.34 5.77
CA ILE A 21 -0.77 -27.05 5.09
C ILE A 21 -0.51 -26.80 3.61
N GLU A 22 0.47 -27.49 3.07
CA GLU A 22 0.95 -27.27 1.71
C GLU A 22 -0.13 -27.34 0.64
N ASN A 23 -0.85 -28.45 0.62
CA ASN A 23 -1.86 -28.64 -0.40
C ASN A 23 -3.08 -27.75 -0.22
N ARG A 24 -3.43 -27.43 1.04
CA ARG A 24 -4.52 -26.47 1.31
C ARG A 24 -4.13 -25.08 0.80
N LEU A 25 -2.89 -24.69 1.00
CA LEU A 25 -2.45 -23.37 0.49
C LEU A 25 -2.50 -23.38 -1.04
N ASN A 26 -1.99 -24.46 -1.67
CA ASN A 26 -2.03 -24.53 -3.14
C ASN A 26 -3.44 -24.39 -3.68
N ALA A 27 -4.38 -25.11 -3.08
CA ALA A 27 -5.78 -25.06 -3.54
C ALA A 27 -6.38 -23.69 -3.36
N ALA A 28 -6.09 -23.05 -2.23
CA ALA A 28 -6.67 -21.72 -1.93
C ALA A 28 -6.19 -20.71 -2.95
N ILE A 29 -4.90 -20.79 -3.29
CA ILE A 29 -4.28 -19.90 -4.25
C ILE A 29 -4.83 -20.21 -5.65
N SER A 30 -4.90 -21.49 -6.00
CA SER A 30 -5.40 -21.86 -7.32
CA SER A 30 -5.39 -21.87 -7.33
CA SER A 30 -5.40 -21.88 -7.32
C SER A 30 -6.83 -21.43 -7.54
N LYS A 31 -7.65 -21.49 -6.49
CA LYS A 31 -9.06 -21.09 -6.58
C LYS A 31 -9.15 -19.61 -6.92
N VAL A 32 -8.34 -18.77 -6.25
CA VAL A 32 -8.35 -17.35 -6.52
C VAL A 32 -7.87 -17.07 -7.95
N VAL A 33 -6.77 -17.68 -8.32
CA VAL A 33 -6.22 -17.52 -9.67
C VAL A 33 -7.30 -17.80 -10.73
N ALA A 34 -8.02 -18.91 -10.57
CA ALA A 34 -9.03 -19.36 -11.53
C ALA A 34 -10.26 -18.46 -11.59
N GLU A 35 -10.66 -17.94 -10.44
CA GLU A 35 -11.93 -17.24 -10.31
C GLU A 35 -11.91 -15.82 -10.83
N GLY A 36 -10.74 -15.18 -10.84
CA GLY A 36 -10.61 -13.88 -11.53
C GLY A 36 -11.13 -12.69 -10.75
N ARG A 37 -11.35 -12.85 -9.45
CA ARG A 37 -11.87 -11.78 -8.61
C ARG A 37 -10.72 -11.32 -7.71
N TYR A 38 -9.75 -10.71 -8.35
CA TYR A 38 -8.47 -10.44 -7.73
C TYR A 38 -8.52 -9.28 -6.75
N ILE A 39 -9.53 -8.44 -6.84
CA ILE A 39 -9.67 -7.32 -5.96
C ILE A 39 -10.97 -7.45 -5.17
N LEU A 40 -10.85 -7.49 -3.86
CA LEU A 40 -12.00 -7.69 -2.97
C LEU A 40 -12.92 -8.83 -3.41
N GLY A 41 -12.30 -9.97 -3.71
CA GLY A 41 -13.04 -11.18 -4.00
C GLY A 41 -13.54 -11.78 -2.72
N PRO A 42 -14.26 -12.91 -2.81
CA PRO A 42 -14.98 -13.41 -1.65
C PRO A 42 -14.15 -13.72 -0.44
N GLU A 43 -12.91 -14.19 -0.66
CA GLU A 43 -12.04 -14.54 0.44
C GLU A 43 -11.75 -13.35 1.37
N VAL A 44 -11.81 -12.12 0.85
CA VAL A 44 -11.52 -10.97 1.69
C VAL A 44 -12.56 -10.84 2.82
N ALA A 45 -13.82 -10.77 2.45
CA ALA A 45 -14.87 -10.67 3.46
C ALA A 45 -14.95 -11.90 4.35
N GLU A 46 -14.71 -13.06 3.76
CA GLU A 46 -14.68 -14.28 4.51
C GLU A 46 -13.62 -14.22 5.60
N PHE A 47 -12.43 -13.77 5.23
CA PHE A 47 -11.35 -13.67 6.20
C PHE A 47 -11.70 -12.61 7.27
N GLU A 48 -12.26 -11.48 6.86
CA GLU A 48 -12.62 -10.44 7.85
C GLU A 48 -13.56 -11.04 8.90
N LYS A 49 -14.54 -11.82 8.45
CA LYS A 49 -15.50 -12.42 9.39
C LYS A 49 -14.90 -13.42 10.33
N LYS A 50 -14.09 -14.32 9.79
CA LYS A 50 -13.48 -15.37 10.58
C LYS A 50 -12.46 -14.77 11.54
N LEU A 51 -11.68 -13.81 11.09
CA LEU A 51 -10.73 -13.14 12.01
C LEU A 51 -11.48 -12.34 13.09
N GLY A 52 -12.58 -11.71 12.70
CA GLY A 52 -13.42 -10.98 13.68
C GLY A 52 -13.90 -11.88 14.82
N GLU A 53 -14.38 -13.08 14.50
CA GLU A 53 -14.84 -13.99 15.56
C GLU A 53 -13.74 -14.50 16.42
N TYR A 54 -12.57 -14.72 15.81
CA TYR A 54 -11.38 -15.15 16.54
C TYR A 54 -10.98 -14.10 17.57
N LEU A 55 -11.02 -12.83 17.16
CA LEU A 55 -10.56 -11.76 18.03
C LEU A 55 -11.67 -11.20 18.92
N GLY A 56 -12.90 -11.60 18.67
CA GLY A 56 -14.07 -11.00 19.34
C GLY A 56 -14.32 -9.56 19.05
N VAL A 57 -14.10 -9.11 17.83
CA VAL A 57 -14.37 -7.71 17.47
C VAL A 57 -15.42 -7.73 16.37
N GLU A 58 -16.29 -6.75 16.37
CA GLU A 58 -17.45 -6.74 15.46
C GLU A 58 -17.07 -6.44 14.03
N HIS A 59 -16.06 -5.62 13.85
CA HIS A 59 -15.66 -5.17 12.50
C HIS A 59 -14.19 -5.42 12.25
N VAL A 60 -13.90 -6.10 11.14
CA VAL A 60 -12.51 -6.27 10.67
C VAL A 60 -12.44 -5.66 9.30
N ILE A 61 -11.51 -4.73 9.14
CA ILE A 61 -11.36 -4.00 7.88
C ILE A 61 -9.97 -4.35 7.32
N ALA A 62 -9.95 -5.28 6.39
CA ALA A 62 -8.66 -5.71 5.79
C ALA A 62 -8.09 -4.57 4.96
N CYS A 63 -6.75 -4.47 4.89
CA CYS A 63 -6.11 -3.43 4.08
C CYS A 63 -4.75 -3.91 3.60
N ALA A 64 -3.93 -3.02 3.07
CA ALA A 64 -2.77 -3.43 2.32
C ALA A 64 -1.54 -3.78 3.12
N ASN A 65 -1.39 -3.19 4.30
CA ASN A 65 -0.27 -3.43 5.16
C ASN A 65 -0.50 -2.77 6.51
N GLY A 66 0.36 -3.10 7.45
CA GLY A 66 0.21 -2.64 8.85
C GLY A 66 0.59 -1.21 9.09
N THR A 67 1.22 -0.58 8.12
CA THR A 67 1.58 0.84 8.22
C THR A 67 0.33 1.64 7.83
N ASP A 68 -0.23 1.31 6.68
CA ASP A 68 -1.54 1.84 6.28
C ASP A 68 -2.58 1.73 7.41
N ALA A 69 -2.56 0.58 8.10
CA ALA A 69 -3.50 0.27 9.15
C ALA A 69 -3.45 1.21 10.33
N LEU A 70 -2.30 1.80 10.56
CA LEU A 70 -2.13 2.84 11.60
C LEU A 70 -2.45 4.24 11.07
N GLN A 71 -2.11 4.50 9.80
CA GLN A 71 -2.37 5.78 9.18
C GLN A 71 -3.88 6.05 9.06
N MET A 72 -4.63 5.09 8.56
CA MET A 72 -6.02 5.39 8.25
C MET A 72 -6.86 5.86 9.44
N PRO A 73 -6.70 5.23 10.62
CA PRO A 73 -7.47 5.73 11.75
C PRO A 73 -7.12 7.20 12.12
N LEU A 74 -5.84 7.59 11.96
CA LEU A 74 -5.48 8.98 12.21
C LEU A 74 -6.20 9.90 11.22
N MET A 75 -6.29 9.46 9.96
CA MET A 75 -6.99 10.24 8.95
C MET A 75 -8.48 10.40 9.26
N THR A 76 -9.10 9.33 9.69
CA THR A 76 -10.55 9.40 9.99
C THR A 76 -10.83 10.35 11.13
N ARG A 77 -9.90 10.46 12.09
CA ARG A 77 -10.06 11.36 13.23
C ARG A 77 -9.64 12.77 12.93
N GLY A 78 -9.22 13.07 11.71
CA GLY A 78 -8.78 14.42 11.38
C GLY A 78 -7.48 14.84 12.06
N ILE A 79 -6.62 13.89 12.38
CA ILE A 79 -5.38 14.20 13.08
C ILE A 79 -4.30 14.60 12.10
N GLY A 80 -3.61 15.69 12.38
CA GLY A 80 -2.76 16.30 11.37
C GLY A 80 -1.99 17.47 11.93
N PRO A 81 -1.77 18.50 11.12
CA PRO A 81 -0.97 19.64 11.59
C PRO A 81 -1.55 20.26 12.87
N GLY A 82 -0.68 20.50 13.83
CA GLY A 82 -1.10 21.07 15.11
C GLY A 82 -1.36 20.05 16.20
N HIS A 83 -1.19 18.77 15.88
CA HIS A 83 -1.60 17.70 16.75
C HIS A 83 -0.45 16.81 17.19
N ALA A 84 -0.53 16.37 18.46
CA ALA A 84 0.46 15.47 19.04
C ALA A 84 -0.09 14.05 19.19
N VAL A 85 0.73 13.07 18.83
CA VAL A 85 0.39 11.64 19.01
C VAL A 85 1.52 10.96 19.78
N PHE A 86 1.18 10.29 20.87
CA PHE A 86 2.17 9.73 21.83
C PHE A 86 2.45 8.29 21.46
N VAL A 87 3.74 7.99 21.22
CA VAL A 87 4.19 6.69 20.68
C VAL A 87 5.46 6.25 21.38
N PRO A 88 5.72 4.92 21.39
CA PRO A 88 7.05 4.52 21.84
C PRO A 88 8.12 4.84 20.81
N SER A 89 9.35 5.01 21.31
CA SER A 89 10.52 5.07 20.44
C SER A 89 11.07 3.64 20.19
N PHE A 90 10.90 2.73 21.16
CA PHE A 90 11.35 1.35 21.00
C PHE A 90 10.27 0.54 20.28
N THR A 91 10.21 0.68 18.96
CA THR A 91 9.25 0.02 18.12
C THR A 91 9.72 0.16 16.65
N PHE A 92 8.99 -0.49 15.75
CA PHE A 92 9.22 -0.35 14.32
C PHE A 92 8.85 1.05 13.84
N ALA A 93 9.56 1.55 12.82
CA ALA A 93 9.41 2.94 12.39
C ALA A 93 7.96 3.37 12.08
N ALA A 94 7.17 2.48 11.49
CA ALA A 94 5.79 2.79 11.12
C ALA A 94 4.98 3.47 12.23
N THR A 95 5.12 3.04 13.51
CA THR A 95 4.33 3.58 14.63
C THR A 95 4.43 5.13 14.70
N ALA A 96 5.64 5.68 14.56
CA ALA A 96 5.87 7.11 14.53
C ALA A 96 5.73 7.74 13.16
N GLU A 97 6.14 7.01 12.12
CA GLU A 97 6.19 7.56 10.81
C GLU A 97 4.84 8.02 10.29
N VAL A 98 3.78 7.24 10.58
CA VAL A 98 2.45 7.59 10.09
C VAL A 98 1.95 8.91 10.68
N VAL A 99 2.40 9.21 11.89
CA VAL A 99 2.04 10.44 12.57
C VAL A 99 2.61 11.65 11.82
N ALA A 100 3.91 11.62 11.49
CA ALA A 100 4.53 12.61 10.61
C ALA A 100 3.93 12.70 9.23
N LEU A 101 3.66 11.56 8.63
CA LEU A 101 3.07 11.51 7.30
C LEU A 101 1.79 12.31 7.23
N VAL A 102 0.91 12.18 8.24
CA VAL A 102 -0.34 12.98 8.25
C VAL A 102 -0.18 14.43 8.69
N GLY A 103 1.03 14.82 9.06
CA GLY A 103 1.36 16.20 9.37
C GLY A 103 1.33 16.52 10.86
N ALA A 104 1.02 15.53 11.70
CA ALA A 104 1.05 15.64 13.16
C ALA A 104 2.47 15.40 13.63
N GLU A 105 2.72 15.50 14.93
CA GLU A 105 4.05 15.24 15.49
C GLU A 105 3.97 14.08 16.45
N PRO A 106 4.84 13.11 16.29
CA PRO A 106 4.98 12.13 17.35
C PRO A 106 5.67 12.73 18.56
N VAL A 107 5.26 12.27 19.73
CA VAL A 107 5.95 12.59 20.98
C VAL A 107 6.37 11.27 21.57
N PHE A 108 7.67 11.07 21.75
CA PHE A 108 8.22 9.78 22.17
C PHE A 108 8.22 9.47 23.66
N VAL A 109 7.73 8.29 24.02
CA VAL A 109 7.62 7.87 25.40
C VAL A 109 8.51 6.65 25.58
N ASP A 110 9.13 6.50 26.73
CA ASP A 110 10.01 5.36 26.97
C ASP A 110 9.17 4.12 27.18
N VAL A 111 9.87 2.97 27.22
CA VAL A 111 9.25 1.71 27.53
C VAL A 111 9.71 1.20 28.87
N ASP A 112 8.87 0.35 29.43
CA ASP A 112 9.17 -0.39 30.65
C ASP A 112 10.35 -1.34 30.40
N PRO A 113 11.26 -1.46 31.38
CA PRO A 113 12.49 -2.28 31.18
C PRO A 113 12.29 -3.80 31.14
N ASP A 114 11.10 -4.27 31.50
CA ASP A 114 10.76 -5.68 31.47
C ASP A 114 9.78 -6.08 30.37
N SER A 115 8.70 -5.32 30.22
CA SER A 115 7.72 -5.60 29.20
C SER A 115 8.11 -5.05 27.80
N TYR A 116 8.99 -4.06 27.76
CA TYR A 116 9.37 -3.34 26.55
C TYR A 116 8.21 -2.58 25.91
N ASN A 117 7.16 -2.36 26.71
CA ASN A 117 5.98 -1.65 26.26
C ASN A 117 5.84 -0.26 26.94
N MET A 118 5.07 0.62 26.32
CA MET A 118 4.96 2.04 26.73
C MET A 118 4.82 2.22 28.23
N ASN A 119 5.66 3.09 28.79
CA ASN A 119 5.68 3.43 30.21
C ASN A 119 4.49 4.37 30.47
N VAL A 120 3.60 3.93 31.33
CA VAL A 120 2.35 4.65 31.53
C VAL A 120 2.53 5.96 32.28
N GLU A 121 3.37 5.95 33.32
CA GLU A 121 3.58 7.16 34.11
C GLU A 121 4.18 8.25 33.25
N GLN A 122 5.13 7.86 32.41
CA GLN A 122 5.78 8.82 31.54
C GLN A 122 4.88 9.31 30.42
N LEU A 123 3.98 8.45 29.91
CA LEU A 123 2.94 8.89 28.99
C LEU A 123 2.14 10.05 29.61
N GLU A 124 1.69 9.86 30.83
CA GLU A 124 0.94 10.89 31.53
C GLU A 124 1.73 12.22 31.62
N ALA A 125 2.99 12.10 31.99
CA ALA A 125 3.87 13.29 32.07
C ALA A 125 4.09 13.98 30.71
N ALA A 126 4.17 13.18 29.67
CA ALA A 126 4.38 13.66 28.31
C ALA A 126 3.16 14.45 27.85
N ILE A 127 1.96 13.95 28.15
CA ILE A 127 0.74 14.63 27.77
C ILE A 127 0.66 15.95 28.53
N ALA A 128 0.95 15.92 29.83
CA ALA A 128 0.93 17.14 30.64
C ALA A 128 1.94 18.19 30.12
N ALA A 129 3.13 17.77 29.77
CA ALA A 129 4.13 18.70 29.22
C ALA A 129 3.68 19.31 27.90
N THR A 130 3.05 18.50 27.05
CA THR A 130 2.57 18.98 25.78
C THR A 130 1.49 20.03 26.01
N ILE A 131 0.62 19.78 26.99
CA ILE A 131 -0.44 20.78 27.27
C ILE A 131 0.21 22.06 27.79
N LYS A 132 1.17 21.92 28.70
CA LYS A 132 1.84 23.09 29.28
C LYS A 132 2.59 23.93 28.24
N GLU A 133 3.29 23.28 27.31
CA GLU A 133 3.95 23.99 26.22
C GLU A 133 2.93 24.74 25.32
N GLY A 134 1.77 24.16 25.06
CA GLY A 134 0.68 24.87 24.35
C GLY A 134 0.86 25.13 22.88
N ARG A 135 1.75 24.36 22.26
CA ARG A 135 2.05 24.48 20.86
C ARG A 135 1.30 23.42 20.00
N LEU A 136 1.10 22.23 20.56
CA LEU A 136 0.33 21.15 19.93
C LEU A 136 -0.80 20.69 20.82
N GLU A 137 -1.84 20.15 20.22
CA GLU A 137 -2.96 19.60 20.97
CA GLU A 137 -2.97 19.60 20.97
C GLU A 137 -2.80 18.09 21.03
N PRO A 138 -2.78 17.51 22.23
CA PRO A 138 -2.79 16.04 22.30
C PRO A 138 -4.04 15.47 21.63
N LYS A 139 -3.84 14.50 20.74
CA LYS A 139 -4.99 13.86 20.08
C LYS A 139 -5.07 12.36 20.22
N ALA A 140 -3.93 11.69 20.23
CA ALA A 140 -3.93 10.22 20.21
C ALA A 140 -2.73 9.59 20.88
N ILE A 141 -2.89 8.30 21.19
CA ILE A 141 -1.83 7.45 21.75
C ILE A 141 -1.79 6.20 20.91
N ILE A 142 -0.59 5.77 20.53
CA ILE A 142 -0.40 4.50 19.82
C ILE A 142 0.51 3.59 20.62
N PRO A 143 -0.09 2.89 21.61
CA PRO A 143 0.69 1.86 22.28
C PRO A 143 0.98 0.72 21.31
N VAL A 144 2.12 0.05 21.54
CA VAL A 144 2.51 -1.12 20.75
C VAL A 144 2.52 -2.35 21.63
N ASP A 145 2.00 -3.44 21.10
CA ASP A 145 2.10 -4.70 21.79
C ASP A 145 3.41 -5.34 21.37
N LEU A 146 4.54 -4.93 21.95
CA LEU A 146 5.83 -5.27 21.36
C LEU A 146 6.12 -6.74 21.54
N PHE A 147 6.60 -7.38 20.49
CA PHE A 147 7.00 -8.82 20.49
C PHE A 147 5.86 -9.78 20.75
N GLY A 148 4.65 -9.24 20.74
CA GLY A 148 3.42 -10.06 20.97
C GLY A 148 2.75 -9.92 22.28
N LEU A 149 3.34 -9.10 23.18
CA LEU A 149 2.87 -8.95 24.54
C LEU A 149 1.98 -7.72 24.66
N ALA A 150 0.75 -7.88 25.19
CA ALA A 150 -0.18 -6.75 25.23
C ALA A 150 0.34 -5.64 26.15
N ALA A 151 0.20 -4.42 25.68
CA ALA A 151 0.52 -3.22 26.48
C ALA A 151 -0.50 -3.05 27.63
N SER A 152 -0.28 -2.04 28.46
CA SER A 152 -1.07 -1.89 29.68
C SER A 152 -2.31 -1.06 29.45
N TYR A 153 -3.30 -1.63 28.77
CA TYR A 153 -4.41 -0.83 28.23
C TYR A 153 -5.31 -0.21 29.29
N ASN A 154 -5.44 -0.82 30.46
CA ASN A 154 -6.34 -0.20 31.47
C ASN A 154 -5.78 1.12 31.95
N ARG A 155 -4.50 1.13 32.32
CA ARG A 155 -3.89 2.38 32.76
C ARG A 155 -3.75 3.42 31.62
N ILE A 156 -3.43 2.96 30.42
CA ILE A 156 -3.35 3.85 29.27
C ILE A 156 -4.71 4.48 28.95
N THR A 157 -5.78 3.68 29.00
CA THR A 157 -7.09 4.20 28.72
C THR A 157 -7.53 5.15 29.85
N ALA A 158 -7.17 4.85 31.09
CA ALA A 158 -7.51 5.79 32.18
C ALA A 158 -6.92 7.19 31.88
N ILE A 159 -5.70 7.23 31.33
CA ILE A 159 -5.11 8.50 30.95
C ILE A 159 -5.86 9.16 29.79
N ALA A 160 -6.17 8.40 28.78
CA ALA A 160 -6.96 8.84 27.63
C ALA A 160 -8.34 9.34 27.98
N GLU A 161 -8.95 8.78 29.02
CA GLU A 161 -10.29 9.15 29.43
C GLU A 161 -10.36 10.61 29.92
N ARG A 162 -9.30 11.06 30.58
CA ARG A 162 -9.24 12.37 31.18
C ARG A 162 -9.07 13.34 30.04
N GLU A 163 -8.17 12.96 29.16
CA GLU A 163 -7.65 13.81 28.13
C GLU A 163 -8.47 13.78 26.82
N GLY A 164 -9.49 12.90 26.70
CA GLY A 164 -10.31 12.68 25.51
C GLY A 164 -9.60 11.98 24.32
N LEU A 165 -8.49 11.32 24.58
CA LEU A 165 -7.58 10.95 23.48
C LEU A 165 -8.03 9.65 22.80
N PHE A 166 -7.68 9.55 21.53
CA PHE A 166 -7.94 8.39 20.69
C PHE A 166 -6.81 7.37 20.84
N ILE A 167 -7.16 6.11 21.04
CA ILE A 167 -6.16 5.08 21.19
C ILE A 167 -6.21 4.11 20.05
N ILE A 168 -5.06 3.99 19.38
CA ILE A 168 -4.87 3.03 18.31
C ILE A 168 -3.93 1.95 18.84
N GLU A 169 -4.43 0.72 18.93
CA GLU A 169 -3.57 -0.39 19.40
C GLU A 169 -2.72 -0.85 18.20
N ASP A 170 -1.40 -0.70 18.27
CA ASP A 170 -0.52 -1.27 17.23
C ASP A 170 -0.25 -2.76 17.60
N ALA A 171 -1.10 -3.63 17.05
CA ALA A 171 -1.07 -5.07 17.26
C ALA A 171 -0.39 -5.76 16.05
N ALA A 172 0.55 -5.06 15.39
CA ALA A 172 1.31 -5.65 14.29
C ALA A 172 1.88 -6.98 14.72
N GLN A 173 2.32 -7.09 15.96
CA GLN A 173 3.10 -8.26 16.37
C GLN A 173 2.34 -9.16 17.28
N SER A 174 1.05 -8.89 17.52
CA SER A 174 0.40 -9.57 18.65
C SER A 174 -0.90 -10.32 18.32
N ILE A 175 -1.17 -10.62 17.05
CA ILE A 175 -2.38 -11.43 16.76
C ILE A 175 -2.20 -12.86 17.31
N GLY A 176 -3.14 -13.30 18.16
CA GLY A 176 -3.00 -14.54 18.92
C GLY A 176 -2.72 -14.30 20.35
N GLY A 177 -2.22 -13.10 20.69
CA GLY A 177 -1.99 -12.72 22.06
C GLY A 177 -3.30 -12.31 22.75
N LYS A 178 -3.29 -12.41 24.07
CA LYS A 178 -4.41 -11.97 24.86
C LYS A 178 -4.04 -11.60 26.27
N ARG A 179 -4.91 -10.79 26.88
CA ARG A 179 -4.67 -10.25 28.23
C ARG A 179 -6.06 -10.25 28.88
N ASP A 180 -6.16 -10.99 29.98
CA ASP A 180 -7.41 -11.20 30.73
C ASP A 180 -8.61 -11.44 29.81
N ASN A 181 -8.45 -12.40 28.91
CA ASN A 181 -9.51 -12.84 28.02
C ASN A 181 -9.96 -11.82 26.98
N VAL A 182 -9.18 -10.77 26.75
CA VAL A 182 -9.45 -9.89 25.65
C VAL A 182 -8.32 -10.11 24.66
N MET A 183 -8.67 -10.38 23.41
CA MET A 183 -7.65 -10.64 22.40
C MET A 183 -6.95 -9.35 21.95
N CYS A 184 -5.64 -9.42 21.75
CA CYS A 184 -4.93 -8.35 21.11
C CYS A 184 -5.55 -8.08 19.77
N GLY A 185 -5.72 -6.81 19.47
CA GLY A 185 -6.56 -6.37 18.37
C GLY A 185 -7.83 -5.68 18.80
N ALA A 186 -8.30 -6.02 19.99
CA ALA A 186 -9.57 -5.59 20.48
C ALA A 186 -9.48 -4.49 21.57
N PHE A 187 -8.27 -3.96 21.80
CA PHE A 187 -8.04 -2.84 22.72
C PHE A 187 -8.12 -1.47 21.99
N GLY A 188 -8.21 -0.41 22.77
CA GLY A 188 -8.32 0.95 22.24
C GLY A 188 -9.61 1.23 21.52
N HIS A 189 -9.64 2.33 20.79
CA HIS A 189 -10.77 2.66 19.92
C HIS A 189 -10.76 1.79 18.63
N VAL A 190 -9.55 1.40 18.24
CA VAL A 190 -9.29 0.70 17.00
C VAL A 190 -7.95 -0.01 17.15
N GLY A 191 -7.87 -1.20 16.57
CA GLY A 191 -6.65 -1.96 16.53
C GLY A 191 -6.14 -2.03 15.11
N ALA A 192 -4.83 -2.23 14.99
CA ALA A 192 -4.15 -2.34 13.73
C ALA A 192 -3.21 -3.55 13.72
N THR A 193 -3.10 -4.25 12.59
CA THR A 193 -2.07 -5.26 12.46
C THR A 193 -1.51 -5.36 11.04
N SER A 194 -0.44 -6.16 10.99
CA SER A 194 0.31 -6.46 9.82
C SER A 194 0.23 -7.95 9.55
N PHE A 195 0.23 -8.32 8.25
CA PHE A 195 0.30 -9.69 7.80
C PHE A 195 1.58 -9.88 7.02
N TYR A 196 2.58 -9.06 7.32
CA TYR A 196 3.92 -9.26 6.79
C TYR A 196 4.30 -10.70 7.08
N PRO A 197 5.05 -11.37 6.16
CA PRO A 197 5.09 -12.86 6.25
C PRO A 197 5.61 -13.47 7.52
N ALA A 198 6.48 -12.75 8.22
CA ALA A 198 7.08 -13.21 9.47
C ALA A 198 6.29 -12.95 10.72
N LYS A 199 5.18 -12.26 10.60
CA LYS A 199 4.34 -12.03 11.78
C LYS A 199 3.65 -13.33 12.18
N PRO A 200 3.24 -13.41 13.43
CA PRO A 200 2.55 -14.59 13.95
C PRO A 200 1.36 -15.02 13.07
N LEU A 201 0.60 -14.07 12.55
CA LEU A 201 -0.34 -14.37 11.48
C LEU A 201 0.16 -13.58 10.30
N GLY A 202 0.62 -14.30 9.26
CA GLY A 202 1.23 -13.68 8.09
C GLY A 202 0.76 -14.22 6.79
N CYS A 203 0.81 -13.39 5.76
CA CYS A 203 0.50 -13.78 4.42
C CYS A 203 1.77 -13.98 3.57
N TYR A 204 1.60 -14.07 2.25
CA TYR A 204 2.71 -14.30 1.33
C TYR A 204 2.93 -13.08 0.43
N GLY A 205 2.98 -11.91 1.06
CA GLY A 205 3.12 -10.62 0.44
C GLY A 205 2.89 -9.60 1.57
N ASP A 206 2.64 -8.35 1.21
CA ASP A 206 2.19 -7.36 2.19
C ASP A 206 0.67 -7.48 2.42
N GLY A 207 0.25 -7.27 3.66
CA GLY A 207 -1.18 -7.23 4.01
C GLY A 207 -1.31 -6.64 5.40
N GLY A 208 -2.52 -6.28 5.77
CA GLY A 208 -2.82 -5.69 7.07
C GLY A 208 -4.29 -5.71 7.37
N ALA A 209 -4.66 -5.28 8.58
CA ALA A 209 -6.07 -5.08 8.88
C ALA A 209 -6.24 -4.11 10.04
N MET A 210 -7.48 -3.67 10.17
CA MET A 210 -7.90 -2.80 11.29
C MET A 210 -9.11 -3.43 11.93
N PHE A 211 -9.28 -3.15 13.21
CA PHE A 211 -10.27 -3.77 14.06
C PHE A 211 -11.01 -2.73 14.89
N THR A 212 -12.34 -2.83 14.98
CA THR A 212 -13.06 -1.95 15.87
C THR A 212 -14.47 -2.49 16.12
N ASN A 213 -14.99 -2.11 17.29
CA ASN A 213 -16.42 -2.33 17.57
C ASN A 213 -17.34 -1.18 17.22
N ASP A 214 -16.77 -0.09 16.74
CA ASP A 214 -17.53 1.10 16.36
C ASP A 214 -17.93 1.03 14.88
N ALA A 215 -19.23 0.83 14.62
CA ALA A 215 -19.70 0.71 13.22
C ALA A 215 -19.42 1.95 12.36
N GLU A 216 -19.57 3.15 12.95
CA GLU A 216 -19.34 4.36 12.22
C GLU A 216 -17.86 4.47 11.84
N LEU A 217 -16.98 4.17 12.79
CA LEU A 217 -15.55 4.24 12.52
C LEU A 217 -15.20 3.23 11.43
N ALA A 218 -15.77 2.04 11.50
CA ALA A 218 -15.53 0.99 10.48
C ALA A 218 -15.95 1.50 9.08
N ASP A 219 -17.10 2.17 8.99
CA ASP A 219 -17.60 2.66 7.69
C ASP A 219 -16.65 3.68 7.12
N THR A 220 -16.15 4.54 7.99
CA THR A 220 -15.20 5.58 7.58
C THR A 220 -13.91 4.94 7.12
N LEU A 221 -13.46 3.91 7.82
CA LEU A 221 -12.20 3.23 7.42
C LEU A 221 -12.35 2.56 6.04
N ARG A 222 -13.53 2.02 5.78
CA ARG A 222 -13.78 1.37 4.52
C ARG A 222 -13.85 2.37 3.38
N SER A 223 -14.25 3.61 3.71
CA SER A 223 -14.22 4.68 2.74
C SER A 223 -12.77 5.10 2.47
N VAL A 224 -12.01 5.33 3.52
CA VAL A 224 -10.65 5.84 3.39
C VAL A 224 -9.77 4.91 2.58
N LEU A 225 -9.93 3.60 2.74
CA LEU A 225 -9.05 2.66 2.04
C LEU A 225 -9.37 2.54 0.58
N PHE A 226 -10.50 3.10 0.14
CA PHE A 226 -10.86 3.14 -1.27
C PHE A 226 -11.12 4.56 -1.72
N HIS A 227 -10.05 5.38 -1.58
CA HIS A 227 -10.07 6.79 -2.02
C HIS A 227 -11.18 7.66 -1.45
N GLY A 228 -11.60 7.38 -0.21
CA GLY A 228 -12.59 8.21 0.45
C GLY A 228 -13.98 8.16 -0.19
N LYS A 229 -14.32 6.99 -0.73
CA LYS A 229 -15.64 6.73 -1.35
C LYS A 229 -16.76 7.16 -0.45
N GLY A 230 -17.76 7.82 -1.04
CA GLY A 230 -18.95 8.20 -0.29
C GLY A 230 -20.05 7.17 -0.38
N GLU A 231 -21.28 7.60 -0.14
CA GLU A 231 -22.47 6.73 -0.21
C GLU A 231 -22.79 6.24 -1.63
N THR A 232 -22.25 6.91 -2.65
CA THR A 232 -22.36 6.45 -4.03
C THR A 232 -21.01 6.04 -4.64
N GLN A 233 -21.09 5.27 -5.73
CA GLN A 233 -19.91 4.85 -6.52
C GLN A 233 -19.17 6.02 -7.20
N TYR A 234 -19.82 7.16 -7.35
CA TYR A 234 -19.28 8.24 -8.16
C TYR A 234 -18.80 9.50 -7.40
N ASP A 235 -18.94 9.56 -6.06
CA ASP A 235 -18.58 10.79 -5.32
C ASP A 235 -17.74 10.50 -4.09
N ASN A 236 -16.46 10.79 -4.16
CA ASN A 236 -15.59 10.75 -2.99
C ASN A 236 -15.83 11.93 -2.04
N VAL A 237 -16.04 11.61 -0.78
CA VAL A 237 -16.41 12.61 0.25
C VAL A 237 -15.24 13.03 1.12
N ARG A 238 -14.14 12.29 1.05
CA ARG A 238 -12.95 12.63 1.83
C ARG A 238 -11.71 12.20 1.05
N ILE A 239 -10.56 12.72 1.50
CA ILE A 239 -9.28 12.28 0.99
C ILE A 239 -9.05 10.89 1.54
N GLY A 240 -8.65 9.99 0.65
CA GLY A 240 -8.27 8.62 1.07
C GLY A 240 -6.99 8.11 0.44
N ILE A 241 -6.85 6.77 0.44
CA ILE A 241 -5.71 6.09 -0.15
C ILE A 241 -6.19 4.84 -0.91
N ASN A 242 -5.25 4.06 -1.43
CA ASN A 242 -5.59 2.75 -1.96
C ASN A 242 -4.98 1.74 -1.04
N SER A 243 -5.78 1.07 -0.21
CA SER A 243 -5.22 0.12 0.74
C SER A 243 -6.11 -1.10 0.95
N ARG A 244 -5.95 -2.08 0.05
CA ARG A 244 -6.75 -3.30 0.04
C ARG A 244 -5.88 -4.51 0.30
N LEU A 245 -6.45 -5.49 1.00
CA LEU A 245 -5.86 -6.84 1.05
C LEU A 245 -6.23 -7.61 -0.19
N ASP A 246 -5.23 -8.11 -0.92
CA ASP A 246 -5.49 -8.82 -2.17
C ASP A 246 -6.29 -10.11 -1.86
N THR A 247 -7.20 -10.48 -2.74
CA THR A 247 -7.96 -11.73 -2.60
C THR A 247 -7.02 -12.90 -2.42
N ILE A 248 -5.96 -12.93 -3.23
CA ILE A 248 -5.01 -14.03 -3.15
C ILE A 248 -4.35 -14.11 -1.77
N GLN A 249 -4.09 -12.97 -1.13
CA GLN A 249 -3.51 -13.02 0.20
C GLN A 249 -4.56 -13.35 1.26
N ALA A 250 -5.79 -12.91 1.10
CA ALA A 250 -6.86 -13.34 2.02
C ALA A 250 -7.04 -14.88 2.01
N ALA A 251 -6.86 -15.48 0.84
CA ALA A 251 -7.01 -16.93 0.68
C ALA A 251 -5.91 -17.65 1.44
N VAL A 252 -4.68 -17.14 1.33
CA VAL A 252 -3.57 -17.63 2.17
C VAL A 252 -3.90 -17.52 3.67
N LEU A 253 -4.35 -16.34 4.07
CA LEU A 253 -4.64 -16.02 5.48
C LEU A 253 -5.75 -16.90 6.10
N LEU A 254 -6.70 -17.26 5.28
CA LEU A 254 -7.76 -18.17 5.75
C LEU A 254 -7.15 -19.48 6.21
N GLU A 255 -6.19 -19.99 5.45
CA GLU A 255 -5.52 -21.24 5.85
C GLU A 255 -4.56 -21.03 7.04
N LYS A 256 -3.86 -19.89 7.09
CA LYS A 256 -3.02 -19.59 8.26
C LYS A 256 -3.89 -19.49 9.55
N LEU A 257 -5.04 -18.85 9.40
CA LEU A 257 -5.90 -18.57 10.56
C LEU A 257 -6.39 -19.88 11.15
N ALA A 258 -6.66 -20.86 10.31
CA ALA A 258 -7.20 -22.16 10.80
C ALA A 258 -6.23 -22.96 11.68
N ILE A 259 -4.95 -22.64 11.60
CA ILE A 259 -3.95 -23.26 12.46
C ILE A 259 -3.31 -22.34 13.49
N LEU A 260 -3.75 -21.07 13.52
CA LEU A 260 -3.14 -20.08 14.40
C LEU A 260 -3.30 -20.45 15.88
N GLU A 261 -4.48 -20.87 16.30
CA GLU A 261 -4.67 -21.17 17.71
C GLU A 261 -3.76 -22.29 18.18
N ASP A 262 -3.59 -23.35 17.40
CA ASP A 262 -2.68 -24.45 17.80
C ASP A 262 -1.21 -23.94 17.83
N GLU A 263 -0.85 -23.13 16.83
CA GLU A 263 0.45 -22.48 16.82
C GLU A 263 0.71 -21.59 18.04
N MET A 264 -0.32 -20.89 18.51
CA MET A 264 -0.23 -20.10 19.77
C MET A 264 0.02 -21.00 21.00
N GLU A 265 -0.60 -22.18 21.02
CA GLU A 265 -0.28 -23.11 22.09
C GLU A 265 1.18 -23.51 22.02
N ALA A 266 1.66 -23.77 20.81
CA ALA A 266 3.04 -24.17 20.61
C ALA A 266 4.00 -23.08 21.03
N ARG A 267 3.72 -21.85 20.61
CA ARG A 267 4.58 -20.72 20.97
C ARG A 267 4.67 -20.58 22.50
N ASP A 268 3.54 -20.70 23.18
CA ASP A 268 3.50 -20.55 24.64
C ASP A 268 4.37 -21.62 25.28
N ARG A 269 4.24 -22.84 24.77
CA ARG A 269 5.04 -23.99 25.29
C ARG A 269 6.54 -23.75 25.08
N ILE A 270 6.91 -23.30 23.90
CA ILE A 270 8.29 -23.05 23.54
C ILE A 270 8.91 -21.91 24.37
N ALA A 271 8.16 -20.81 24.52
CA ALA A 271 8.62 -19.65 25.29
C ALA A 271 8.83 -20.02 26.73
N ARG A 272 7.90 -20.79 27.30
CA ARG A 272 8.01 -21.19 28.71
C ARG A 272 9.22 -22.06 28.93
N ARG A 273 9.49 -22.94 27.98
CA ARG A 273 10.67 -23.80 28.06
C ARG A 273 11.97 -22.96 28.00
N TYR A 274 12.05 -21.98 27.11
CA TYR A 274 13.21 -21.08 27.15
C TYR A 274 13.31 -20.36 28.50
N ASN A 275 12.19 -19.83 28.98
CA ASN A 275 12.23 -18.99 30.18
C ASN A 275 12.75 -19.79 31.38
N GLU A 276 12.24 -21.00 31.57
CA GLU A 276 12.64 -21.84 32.70
C GLU A 276 14.10 -22.28 32.59
N ALA A 277 14.59 -22.49 31.37
CA ALA A 277 15.94 -23.00 31.21
C ALA A 277 16.98 -21.89 31.25
N LEU A 278 16.59 -20.66 30.93
CA LEU A 278 17.55 -19.56 30.74
C LEU A 278 17.56 -18.49 31.83
N LYS A 279 16.56 -18.50 32.69
CA LYS A 279 16.35 -17.41 33.62
C LYS A 279 17.52 -17.11 34.57
N ASP A 280 18.36 -18.10 34.82
CA ASP A 280 19.51 -17.89 35.70
C ASP A 280 20.78 -17.37 35.02
N VAL A 281 20.83 -17.34 33.69
CA VAL A 281 22.00 -16.84 32.97
C VAL A 281 21.72 -15.59 32.13
N VAL A 282 20.46 -15.35 31.75
CA VAL A 282 20.09 -14.14 31.02
C VAL A 282 18.74 -13.64 31.53
N LYS A 283 18.37 -12.44 31.14
CA LYS A 283 17.10 -11.89 31.51
C LYS A 283 16.06 -12.36 30.52
N VAL A 284 15.03 -13.03 31.02
CA VAL A 284 14.05 -13.67 30.15
C VAL A 284 12.73 -12.89 30.17
N PRO A 285 11.97 -12.97 29.07
CA PRO A 285 10.70 -12.30 28.97
C PRO A 285 9.59 -13.07 29.72
N GLU A 286 9.42 -12.79 31.00
CA GLU A 286 8.36 -13.46 31.78
C GLU A 286 6.95 -13.11 31.26
N LEU A 287 6.06 -14.09 31.28
CA LEU A 287 4.69 -13.91 30.88
C LEU A 287 3.92 -13.57 32.14
N PRO A 288 3.40 -12.35 32.22
CA PRO A 288 2.61 -12.05 33.42
C PRO A 288 1.34 -12.89 33.50
N ALA A 289 0.89 -13.19 34.72
CA ALA A 289 -0.38 -13.90 34.94
C ALA A 289 -1.46 -13.33 34.03
N GLY A 290 -2.35 -14.17 33.49
CA GLY A 290 -3.47 -13.73 32.68
C GLY A 290 -3.14 -13.36 31.23
N ASN A 291 -1.87 -13.48 30.84
CA ASN A 291 -1.46 -13.13 29.48
C ASN A 291 -1.03 -14.33 28.69
N ARG A 292 -1.34 -14.28 27.41
CA ARG A 292 -0.66 -15.06 26.39
C ARG A 292 -0.05 -14.09 25.40
N SER A 293 1.25 -14.23 25.14
CA SER A 293 1.91 -13.44 24.10
C SER A 293 1.82 -14.14 22.76
N ALA A 294 1.74 -13.37 21.67
CA ALA A 294 1.89 -13.93 20.35
C ALA A 294 3.34 -14.36 20.07
N TRP A 295 4.30 -13.93 20.90
CA TRP A 295 5.73 -14.29 20.67
C TRP A 295 6.15 -14.05 19.24
N ALA A 296 5.83 -12.87 18.70
CA ALA A 296 6.40 -12.48 17.45
C ALA A 296 7.91 -12.57 17.48
N GLN A 297 8.50 -12.24 18.65
CA GLN A 297 9.91 -12.48 18.92
C GLN A 297 10.04 -12.96 20.36
N TYR A 298 11.12 -13.71 20.61
CA TYR A 298 11.48 -14.18 21.95
C TYR A 298 12.77 -13.44 22.29
N SER A 299 12.63 -12.41 23.12
CA SER A 299 13.68 -11.45 23.35
C SER A 299 14.24 -11.51 24.78
N ILE A 300 15.54 -11.73 24.86
CA ILE A 300 16.30 -11.82 26.11
C ILE A 300 17.22 -10.62 26.23
N GLU A 301 17.80 -10.42 27.41
CA GLU A 301 18.91 -9.50 27.54
C GLU A 301 20.09 -10.25 28.12
N SER A 302 21.28 -9.97 27.61
CA SER A 302 22.48 -10.67 28.05
C SER A 302 23.65 -9.72 28.25
N GLU A 303 24.48 -10.01 29.27
CA GLU A 303 25.85 -9.46 29.35
C GLU A 303 26.59 -9.93 28.09
N ASN A 304 27.55 -9.12 27.61
CA ASN A 304 28.29 -9.42 26.40
CA ASN A 304 28.29 -9.36 26.35
C ASN A 304 27.39 -9.95 25.28
N ARG A 305 26.35 -9.20 24.97
CA ARG A 305 25.38 -9.63 23.97
C ARG A 305 26.05 -9.83 22.61
N ASP A 306 27.00 -8.99 22.22
CA ASP A 306 27.64 -9.17 20.91
C ASP A 306 28.39 -10.51 20.86
N GLY A 307 29.08 -10.82 21.95
CA GLY A 307 29.76 -12.12 22.14
C GLY A 307 28.82 -13.31 22.02
N LEU A 308 27.67 -13.21 22.69
CA LEU A 308 26.66 -14.25 22.65
C LEU A 308 26.14 -14.48 21.25
N LYS A 309 25.78 -13.38 20.57
CA LYS A 309 25.23 -13.50 19.23
C LYS A 309 26.23 -14.17 18.26
N ALA A 310 27.51 -13.84 18.42
CA ALA A 310 28.55 -14.41 17.57
C ALA A 310 28.73 -15.90 17.84
N GLN A 311 28.72 -16.27 19.12
CA GLN A 311 28.86 -17.65 19.50
C GLN A 311 27.66 -18.43 19.00
N LEU A 312 26.46 -17.84 19.09
CA LEU A 312 25.27 -18.52 18.57
C LEU A 312 25.42 -18.76 17.04
N GLN A 313 25.89 -17.76 16.32
CA GLN A 313 26.08 -17.92 14.88
C GLN A 313 27.19 -18.92 14.54
N ALA A 314 28.26 -18.95 15.33
CA ALA A 314 29.32 -19.95 15.12
C ALA A 314 28.79 -21.37 15.28
N GLU A 315 27.73 -21.55 16.09
CA GLU A 315 27.10 -22.84 16.26
C GLU A 315 25.89 -23.01 15.34
N GLY A 316 25.77 -22.16 14.32
CA GLY A 316 24.69 -22.31 13.34
C GLY A 316 23.33 -21.85 13.79
N ILE A 317 23.30 -20.96 14.80
CA ILE A 317 22.03 -20.48 15.35
C ILE A 317 21.87 -19.00 14.98
N PRO A 318 20.84 -18.68 14.18
CA PRO A 318 20.57 -17.27 13.87
C PRO A 318 19.94 -16.55 15.04
N SER A 319 20.21 -15.24 15.12
CA SER A 319 19.56 -14.38 16.14
C SER A 319 19.55 -12.98 15.60
N VAL A 320 18.65 -12.14 16.11
CA VAL A 320 18.48 -10.79 15.56
C VAL A 320 18.29 -9.80 16.69
N ILE A 321 18.89 -8.63 16.57
CA ILE A 321 18.70 -7.57 17.54
C ILE A 321 17.54 -6.70 17.08
N TYR A 322 16.47 -6.70 17.85
CA TYR A 322 15.35 -5.76 17.73
C TYR A 322 15.34 -4.91 19.02
N TYR A 323 15.74 -3.63 18.99
CA TYR A 323 16.01 -2.83 17.81
C TYR A 323 17.36 -2.18 18.02
N VAL A 324 18.07 -2.02 16.92
CA VAL A 324 19.42 -1.50 16.99
C VAL A 324 19.44 0.00 17.32
N LYS A 325 18.49 0.74 16.77
CA LYS A 325 18.43 2.19 16.93
C LYS A 325 16.98 2.54 17.24
N PRO A 326 16.68 2.99 18.47
CA PRO A 326 15.30 3.46 18.73
C PRO A 326 14.96 4.66 17.87
N LEU A 327 13.68 4.84 17.60
CA LEU A 327 13.24 5.83 16.67
C LEU A 327 13.72 7.23 16.99
N HIS A 328 13.74 7.59 18.27
CA HIS A 328 14.05 8.97 18.61
C HIS A 328 15.50 9.32 18.28
N LEU A 329 16.33 8.32 18.04
CA LEU A 329 17.72 8.57 17.66
C LEU A 329 17.93 8.50 16.17
N GLN A 330 16.91 8.11 15.40
CA GLN A 330 17.10 8.02 13.95
C GLN A 330 16.91 9.37 13.34
N THR A 331 17.61 9.60 12.23
CA THR A 331 17.65 10.89 11.56
C THR A 331 16.30 11.47 11.28
N ALA A 332 15.39 10.66 10.76
CA ALA A 332 14.09 11.21 10.37
C ALA A 332 13.27 11.72 11.54
N TYR A 333 13.50 11.22 12.75
CA TYR A 333 12.59 11.54 13.89
C TYR A 333 13.24 12.21 15.08
N LYS A 334 14.55 12.46 15.01
CA LYS A 334 15.30 12.86 16.18
C LYS A 334 15.04 14.29 16.59
N HIS A 335 14.38 15.08 15.73
CA HIS A 335 14.00 16.43 16.12
C HIS A 335 12.62 16.56 16.78
N TYR A 336 11.86 15.48 16.82
CA TYR A 336 10.55 15.48 17.50
C TYR A 336 10.75 15.44 19.03
N SER A 337 9.73 15.86 19.77
CA SER A 337 9.86 15.98 21.21
CA SER A 337 9.84 15.98 21.21
C SER A 337 9.83 14.61 21.89
N VAL A 338 10.45 14.57 23.06
CA VAL A 338 10.49 13.36 23.88
CA VAL A 338 10.59 13.39 23.89
C VAL A 338 9.96 13.67 25.26
N ALA A 339 9.34 12.69 25.86
CA ALA A 339 8.73 12.83 27.16
C ALA A 339 9.73 13.37 28.19
N PRO A 340 9.22 14.04 29.23
CA PRO A 340 10.09 14.54 30.28
C PRO A 340 10.89 13.41 30.91
N GLY A 341 12.17 13.63 31.07
CA GLY A 341 13.05 12.66 31.64
C GLY A 341 13.86 11.89 30.63
N GLY A 342 13.50 11.99 29.35
CA GLY A 342 14.24 11.31 28.31
C GLY A 342 13.87 9.85 28.22
N LEU A 343 14.64 9.08 27.47
CA LEU A 343 14.30 7.68 27.15
C LEU A 343 15.46 6.75 27.46
N PRO A 344 15.85 6.63 28.76
CA PRO A 344 17.05 5.85 29.06
C PRO A 344 16.91 4.37 28.75
N VAL A 345 15.70 3.82 28.93
CA VAL A 345 15.50 2.38 28.68
C VAL A 345 15.64 2.13 27.18
N SER A 346 14.91 2.90 26.38
CA SER A 346 15.00 2.78 24.93
C SER A 346 16.46 2.94 24.44
N GLU A 347 17.23 3.80 25.08
CA GLU A 347 18.60 4.02 24.62
C GLU A 347 19.57 2.91 25.00
N SER A 348 19.36 2.28 26.14
CA SER A 348 20.27 1.24 26.62
C SER A 348 19.93 -0.19 26.17
N LEU A 349 18.65 -0.48 25.91
CA LEU A 349 18.29 -1.83 25.45
C LEU A 349 19.05 -2.34 24.24
N PRO A 350 19.28 -1.50 23.21
CA PRO A 350 20.04 -1.96 22.05
C PRO A 350 21.41 -2.53 22.37
N SER A 351 21.99 -2.24 23.53
CA SER A 351 23.30 -2.78 23.85
C SER A 351 23.24 -4.15 24.48
N ARG A 352 22.04 -4.61 24.87
CA ARG A 352 21.92 -5.86 25.59
C ARG A 352 20.82 -6.82 25.13
N ILE A 353 19.88 -6.37 24.31
CA ILE A 353 18.75 -7.22 23.88
C ILE A 353 19.13 -8.13 22.71
N LEU A 354 18.49 -9.29 22.63
CA LEU A 354 18.67 -10.21 21.51
C LEU A 354 17.47 -11.11 21.36
N SER A 355 17.00 -11.30 20.13
CA SER A 355 15.89 -12.20 19.87
C SER A 355 16.35 -13.55 19.32
N LEU A 356 15.79 -14.63 19.85
CA LEU A 356 16.21 -16.02 19.55
C LEU A 356 15.21 -16.66 18.59
N PRO A 357 15.61 -17.75 17.91
CA PRO A 357 14.65 -18.44 17.07
C PRO A 357 13.35 -18.73 17.82
N MET A 358 12.24 -18.39 17.20
CA MET A 358 10.95 -18.50 17.85
C MET A 358 9.90 -18.67 16.79
N HIS A 359 9.31 -19.86 16.73
CA HIS A 359 8.22 -20.18 15.83
C HIS A 359 7.60 -21.50 16.30
N PRO A 360 6.43 -21.86 15.75
CA PRO A 360 5.75 -23.03 16.27
C PRO A 360 6.45 -24.36 16.03
N TYR A 361 7.38 -24.39 15.08
CA TYR A 361 8.01 -25.63 14.60
C TYR A 361 9.42 -25.91 15.11
N LEU A 362 9.84 -25.14 16.11
CA LEU A 362 11.15 -25.33 16.68
C LEU A 362 11.16 -26.64 17.45
N SER A 363 12.07 -27.52 17.11
CA SER A 363 12.10 -28.84 17.75
C SER A 363 12.72 -28.78 19.14
N GLU A 364 12.42 -29.79 19.95
CA GLU A 364 13.05 -29.90 21.26
C GLU A 364 14.56 -29.91 21.11
N ALA A 365 15.04 -30.72 20.18
CA ALA A 365 16.49 -30.82 19.93
C ALA A 365 17.11 -29.48 19.54
N ASP A 366 16.42 -28.70 18.71
CA ASP A 366 17.00 -27.42 18.34
C ASP A 366 16.97 -26.43 19.53
N GLN A 367 15.86 -26.41 20.23
CA GLN A 367 15.78 -25.61 21.44
C GLN A 367 16.84 -26.00 22.47
N ASP A 368 17.01 -27.30 22.70
CA ASP A 368 18.06 -27.75 23.60
C ASP A 368 19.44 -27.24 23.19
N LYS A 369 19.71 -27.24 21.90
CA LYS A 369 21.00 -26.82 21.40
C LYS A 369 21.18 -25.34 21.68
N ILE A 370 20.12 -24.57 21.43
CA ILE A 370 20.16 -23.13 21.65
C ILE A 370 20.40 -22.88 23.14
N ILE A 371 19.61 -23.51 23.98
CA ILE A 371 19.78 -23.37 25.43
C ILE A 371 21.22 -23.70 25.84
N GLY A 372 21.76 -24.75 25.27
CA GLY A 372 23.09 -25.22 25.64
C GLY A 372 24.16 -24.19 25.31
N VAL A 373 24.03 -23.55 24.17
CA VAL A 373 25.06 -22.62 23.74
C VAL A 373 25.01 -21.39 24.63
N ILE A 374 23.80 -20.93 24.96
CA ILE A 374 23.65 -19.74 25.78
C ILE A 374 24.20 -20.00 27.20
N ARG A 375 23.83 -21.13 27.79
CA ARG A 375 24.28 -21.49 29.13
C ARG A 375 25.83 -21.64 29.14
N GLY A 376 26.35 -22.28 28.09
CA GLY A 376 27.79 -22.49 27.96
C GLY A 376 28.54 -21.18 27.84
N PHE A 377 28.01 -20.25 27.04
CA PHE A 377 28.59 -18.92 26.92
C PHE A 377 28.73 -18.25 28.28
N HIS A 378 27.73 -18.43 29.14
CA HIS A 378 27.70 -17.80 30.43
C HIS A 378 28.33 -18.67 31.54
N GLY A 379 29.14 -19.63 31.13
CA GLY A 379 29.99 -20.35 32.07
C GLY A 379 29.33 -21.51 32.78
N LYS A 380 28.12 -21.91 32.36
CA LYS A 380 27.47 -23.13 32.88
C LYS A 380 28.09 -24.35 32.20
N LYS A 381 28.55 -25.33 32.96
CA LYS A 381 29.28 -26.50 32.41
C LYS A 381 28.39 -27.44 31.58
N HIS B 8 -22.71 -14.46 -21.29
CA HIS B 8 -22.61 -13.00 -20.96
C HIS B 8 -21.23 -12.49 -21.40
N MET B 9 -21.22 -11.44 -22.22
CA MET B 9 -20.00 -10.93 -22.82
C MET B 9 -19.10 -10.17 -21.80
N GLN B 10 -17.80 -10.42 -21.82
CA GLN B 10 -16.86 -9.74 -20.91
C GLN B 10 -16.59 -8.31 -21.35
N PHE B 11 -16.43 -7.41 -20.39
CA PHE B 11 -15.97 -6.07 -20.70
C PHE B 11 -14.46 -6.04 -20.98
N ILE B 12 -13.68 -6.49 -20.01
CA ILE B 12 -12.24 -6.74 -20.20
C ILE B 12 -12.00 -8.20 -19.78
N ASP B 13 -11.52 -9.04 -20.68
CA ASP B 13 -11.56 -10.50 -20.50
C ASP B 13 -10.23 -11.04 -19.97
N LEU B 14 -10.10 -11.04 -18.65
CA LEU B 14 -8.88 -11.54 -18.04
C LEU B 14 -8.79 -13.04 -18.15
N GLY B 15 -9.96 -13.68 -18.29
CA GLY B 15 -10.01 -15.13 -18.46
C GLY B 15 -9.35 -15.61 -19.75
N ALA B 16 -9.64 -14.92 -20.85
CA ALA B 16 -9.04 -15.32 -22.14
C ALA B 16 -7.53 -15.12 -22.13
N GLN B 17 -7.13 -14.02 -21.49
CA GLN B 17 -5.71 -13.76 -21.31
C GLN B 17 -5.04 -14.87 -20.48
N ARG B 18 -5.64 -15.22 -19.36
CA ARG B 18 -5.08 -16.24 -18.50
C ARG B 18 -4.93 -17.58 -19.22
N ALA B 19 -5.96 -17.98 -19.96
CA ALA B 19 -5.91 -19.24 -20.69
C ALA B 19 -4.71 -19.28 -21.63
N ARG B 20 -4.38 -18.15 -22.24
CA ARG B 20 -3.32 -18.13 -23.22
C ARG B 20 -1.99 -18.48 -22.58
N ILE B 21 -1.75 -18.04 -21.34
CA ILE B 21 -0.48 -18.28 -20.67
C ILE B 21 -0.69 -19.04 -19.34
N GLU B 22 -1.66 -19.93 -19.34
CA GLU B 22 -2.09 -20.59 -18.12
C GLU B 22 -0.96 -21.35 -17.45
N ASN B 23 -0.27 -22.19 -18.20
CA ASN B 23 0.77 -23.00 -17.61
C ASN B 23 1.95 -22.16 -17.18
N ARG B 24 2.36 -21.20 -17.99
CA ARG B 24 3.45 -20.27 -17.59
C ARG B 24 3.12 -19.52 -16.29
N LEU B 25 1.90 -19.01 -16.16
CA LEU B 25 1.46 -18.36 -14.90
C LEU B 25 1.55 -19.29 -13.73
N ASN B 26 1.02 -20.50 -13.90
CA ASN B 26 1.03 -21.46 -12.82
C ASN B 26 2.43 -21.82 -12.35
N ALA B 27 3.33 -22.02 -13.29
CA ALA B 27 4.71 -22.33 -12.96
C ALA B 27 5.37 -21.17 -12.24
N ALA B 28 5.10 -19.95 -12.69
CA ALA B 28 5.68 -18.76 -12.10
C ALA B 28 5.18 -18.54 -10.68
N ILE B 29 3.89 -18.68 -10.49
CA ILE B 29 3.32 -18.58 -9.16
C ILE B 29 3.84 -19.71 -8.24
N SER B 30 3.87 -20.94 -8.71
CA SER B 30 4.37 -22.09 -7.96
CA SER B 30 4.33 -22.04 -7.87
C SER B 30 5.79 -21.83 -7.44
N LYS B 31 6.61 -21.28 -8.33
CA LYS B 31 8.02 -21.02 -8.03
C LYS B 31 8.15 -20.07 -6.82
N VAL B 32 7.40 -18.99 -6.88
CA VAL B 32 7.39 -18.02 -5.77
C VAL B 32 6.89 -18.66 -4.48
N VAL B 33 5.78 -19.38 -4.55
CA VAL B 33 5.23 -20.01 -3.35
C VAL B 33 6.27 -20.87 -2.64
N ALA B 34 6.99 -21.69 -3.40
CA ALA B 34 7.93 -22.64 -2.86
C ALA B 34 9.21 -21.96 -2.34
N GLU B 35 9.61 -20.87 -2.98
CA GLU B 35 10.92 -20.28 -2.63
C GLU B 35 10.88 -19.51 -1.31
N GLY B 36 9.71 -18.95 -1.00
CA GLY B 36 9.51 -18.28 0.28
C GLY B 36 10.18 -16.93 0.41
N ARG B 37 10.45 -16.23 -0.71
CA ARG B 37 11.02 -14.87 -0.68
C ARG B 37 9.89 -13.93 -1.10
N TYR B 38 8.91 -13.80 -0.23
CA TYR B 38 7.63 -13.17 -0.58
C TYR B 38 7.66 -11.66 -0.62
N ILE B 39 8.72 -11.08 -0.04
CA ILE B 39 8.94 -9.61 -0.03
C ILE B 39 10.25 -9.33 -0.77
N LEU B 40 10.16 -8.59 -1.86
CA LEU B 40 11.33 -8.23 -2.68
C LEU B 40 12.18 -9.43 -3.07
N GLY B 41 11.50 -10.46 -3.49
CA GLY B 41 12.14 -11.66 -3.99
C GLY B 41 12.69 -11.37 -5.36
N PRO B 42 13.39 -12.32 -5.94
CA PRO B 42 14.15 -12.03 -7.17
C PRO B 42 13.33 -11.56 -8.35
N GLU B 43 12.06 -12.00 -8.41
CA GLU B 43 11.20 -11.63 -9.50
C GLU B 43 10.93 -10.13 -9.56
N VAL B 44 10.96 -9.44 -8.42
CA VAL B 44 10.74 -8.00 -8.43
C VAL B 44 11.82 -7.25 -9.23
N ALA B 45 13.10 -7.46 -8.89
CA ALA B 45 14.20 -6.91 -9.65
C ALA B 45 14.20 -7.34 -11.11
N GLU B 46 13.89 -8.61 -11.36
CA GLU B 46 13.81 -9.17 -12.73
CA GLU B 46 13.87 -9.10 -12.74
C GLU B 46 12.78 -8.38 -13.52
N PHE B 47 11.63 -8.19 -12.89
CA PHE B 47 10.58 -7.42 -13.52
C PHE B 47 10.92 -5.93 -13.75
N GLU B 48 11.57 -5.28 -12.79
CA GLU B 48 12.05 -3.92 -12.96
C GLU B 48 12.99 -3.86 -14.19
N LYS B 49 13.87 -4.83 -14.31
CA LYS B 49 14.82 -4.82 -15.44
C LYS B 49 14.13 -4.97 -16.78
N LYS B 50 13.24 -5.94 -16.86
CA LYS B 50 12.55 -6.22 -18.13
C LYS B 50 11.61 -5.12 -18.55
N LEU B 51 10.86 -4.59 -17.60
CA LEU B 51 10.01 -3.45 -17.91
C LEU B 51 10.84 -2.26 -18.29
N GLY B 52 12.00 -2.07 -17.66
CA GLY B 52 12.89 -0.98 -18.03
C GLY B 52 13.36 -1.05 -19.47
N GLU B 53 13.72 -2.25 -19.90
CA GLU B 53 14.10 -2.52 -21.29
C GLU B 53 12.94 -2.26 -22.25
N TYR B 54 11.74 -2.66 -21.84
CA TYR B 54 10.58 -2.44 -22.68
C TYR B 54 10.28 -0.98 -22.91
N LEU B 55 10.31 -0.19 -21.85
CA LEU B 55 9.98 1.23 -21.89
C LEU B 55 11.17 2.11 -22.28
N GLY B 56 12.39 1.58 -22.22
CA GLY B 56 13.57 2.37 -22.54
C GLY B 56 13.89 3.44 -21.52
N VAL B 57 13.66 3.13 -20.24
CA VAL B 57 14.06 3.99 -19.11
C VAL B 57 15.16 3.33 -18.28
N GLU B 58 15.99 4.14 -17.63
CA GLU B 58 17.14 3.58 -16.90
C GLU B 58 16.76 2.95 -15.57
N HIS B 59 15.67 3.41 -14.95
CA HIS B 59 15.33 2.92 -13.63
C HIS B 59 13.84 2.66 -13.55
N VAL B 60 13.48 1.48 -13.07
CA VAL B 60 12.11 1.12 -12.72
C VAL B 60 12.05 0.78 -11.23
N ILE B 61 11.10 1.42 -10.52
CA ILE B 61 10.97 1.23 -9.09
C ILE B 61 9.57 0.68 -8.85
N ALA B 62 9.50 -0.62 -8.62
CA ALA B 62 8.21 -1.24 -8.45
C ALA B 62 7.64 -0.84 -7.11
N CYS B 63 6.34 -0.81 -6.98
CA CYS B 63 5.70 -0.35 -5.72
C CYS B 63 4.31 -0.97 -5.57
N ALA B 64 3.53 -0.55 -4.59
CA ALA B 64 2.36 -1.29 -4.19
C ALA B 64 1.15 -1.02 -5.03
N ASN B 65 1.05 0.16 -5.64
CA ASN B 65 -0.13 0.52 -6.45
C ASN B 65 0.15 1.83 -7.17
N GLY B 66 -0.72 2.15 -8.12
CA GLY B 66 -0.55 3.34 -8.94
C GLY B 66 -0.81 4.65 -8.24
N THR B 67 -1.48 4.62 -7.09
CA THR B 67 -1.70 5.81 -6.27
C THR B 67 -0.40 6.19 -5.56
N ASP B 68 0.18 5.23 -4.83
CA ASP B 68 1.49 5.37 -4.22
C ASP B 68 2.49 5.90 -5.23
N ALA B 69 2.45 5.36 -6.45
CA ALA B 69 3.37 5.73 -7.53
C ALA B 69 3.35 7.23 -7.90
N LEU B 70 2.20 7.87 -7.66
CA LEU B 70 2.06 9.31 -7.88
C LEU B 70 2.48 10.09 -6.65
N GLN B 71 2.17 9.53 -5.49
CA GLN B 71 2.45 10.20 -4.24
C GLN B 71 3.94 10.31 -3.95
N MET B 72 4.65 9.23 -4.16
CA MET B 72 6.05 9.22 -3.69
C MET B 72 6.93 10.25 -4.38
N PRO B 73 6.78 10.46 -5.70
CA PRO B 73 7.58 11.53 -6.32
C PRO B 73 7.31 12.92 -5.76
N LEU B 74 6.07 13.18 -5.36
CA LEU B 74 5.72 14.45 -4.71
C LEU B 74 6.46 14.55 -3.37
N MET B 75 6.51 13.44 -2.64
CA MET B 75 7.22 13.46 -1.39
C MET B 75 8.70 13.78 -1.62
N THR B 76 9.30 13.17 -2.65
CA THR B 76 10.75 13.37 -2.89
C THR B 76 11.09 14.82 -3.16
N ARG B 77 10.15 15.54 -3.79
CA ARG B 77 10.31 16.95 -4.14
C ARG B 77 9.96 17.91 -3.03
N GLY B 78 9.55 17.37 -1.89
CA GLY B 78 9.15 18.21 -0.77
C GLY B 78 7.86 18.97 -1.04
N ILE B 79 6.99 18.44 -1.89
CA ILE B 79 5.76 19.15 -2.27
C ILE B 79 4.67 18.96 -1.21
N GLY B 80 4.06 20.05 -0.77
CA GLY B 80 3.13 20.00 0.34
C GLY B 80 2.42 21.32 0.55
N PRO B 81 2.19 21.68 1.82
CA PRO B 81 1.45 22.90 2.16
C PRO B 81 2.01 24.13 1.47
N GLY B 82 1.12 24.89 0.84
CA GLY B 82 1.52 26.13 0.17
C GLY B 82 1.83 25.98 -1.32
N HIS B 83 1.74 24.74 -1.84
CA HIS B 83 2.11 24.41 -3.22
C HIS B 83 0.95 23.98 -4.08
N ALA B 84 1.08 24.23 -5.38
CA ALA B 84 0.04 23.88 -6.35
C ALA B 84 0.58 22.85 -7.32
N VAL B 85 -0.24 21.84 -7.60
CA VAL B 85 0.09 20.85 -8.59
C VAL B 85 -1.04 20.85 -9.60
N PHE B 86 -0.70 20.97 -10.88
CA PHE B 86 -1.73 21.09 -11.91
C PHE B 86 -2.12 19.74 -12.50
N VAL B 87 -3.42 19.46 -12.47
CA VAL B 87 -3.93 18.14 -12.80
C VAL B 87 -5.24 18.27 -13.56
N PRO B 88 -5.61 17.24 -14.30
CA PRO B 88 -6.92 17.17 -14.94
C PRO B 88 -8.03 16.94 -13.94
N SER B 89 -9.22 17.42 -14.26
CA SER B 89 -10.40 17.07 -13.48
C SER B 89 -10.97 15.81 -14.05
N PHE B 90 -10.79 15.63 -15.37
CA PHE B 90 -11.28 14.45 -16.03
C PHE B 90 -10.26 13.30 -15.97
N THR B 91 -10.28 12.60 -14.84
CA THR B 91 -9.35 11.50 -14.55
C THR B 91 -9.82 10.77 -13.31
N PHE B 92 -9.15 9.66 -13.03
CA PHE B 92 -9.39 8.92 -11.80
C PHE B 92 -8.93 9.75 -10.60
N ALA B 93 -9.64 9.63 -9.49
CA ALA B 93 -9.41 10.41 -8.28
C ALA B 93 -7.95 10.47 -7.81
N ALA B 94 -7.22 9.36 -7.87
CA ALA B 94 -5.84 9.31 -7.34
C ALA B 94 -5.01 10.47 -7.85
N THR B 95 -5.20 10.89 -9.09
CA THR B 95 -4.34 11.88 -9.70
C THR B 95 -4.29 13.19 -8.88
N ALA B 96 -5.48 13.61 -8.41
CA ALA B 96 -5.65 14.79 -7.52
C ALA B 96 -5.49 14.44 -6.06
N GLU B 97 -5.99 13.26 -5.68
CA GLU B 97 -6.01 12.87 -4.27
C GLU B 97 -4.62 12.95 -3.62
N VAL B 98 -3.62 12.47 -4.35
CA VAL B 98 -2.28 12.38 -3.75
C VAL B 98 -1.72 13.77 -3.50
N VAL B 99 -2.19 14.77 -4.26
CA VAL B 99 -1.75 16.14 -4.07
C VAL B 99 -2.28 16.63 -2.73
N ALA B 100 -3.57 16.39 -2.50
CA ALA B 100 -4.21 16.71 -1.22
C ALA B 100 -3.56 15.98 -0.07
N LEU B 101 -3.21 14.72 -0.30
CA LEU B 101 -2.73 13.90 0.76
C LEU B 101 -1.40 14.40 1.32
N VAL B 102 -0.52 14.94 0.48
CA VAL B 102 0.75 15.54 0.93
C VAL B 102 0.63 16.97 1.46
N GLY B 103 -0.58 17.52 1.44
CA GLY B 103 -0.83 18.87 1.91
C GLY B 103 -0.84 19.98 0.88
N ALA B 104 -0.56 19.68 -0.39
CA ALA B 104 -0.62 20.65 -1.47
C ALA B 104 -2.06 20.73 -1.99
N GLU B 105 -2.26 21.59 -2.99
CA GLU B 105 -3.58 21.72 -3.59
C GLU B 105 -3.51 21.41 -5.06
N PRO B 106 -4.44 20.59 -5.52
CA PRO B 106 -4.56 20.45 -6.95
C PRO B 106 -5.13 21.73 -7.54
N VAL B 107 -4.71 22.02 -8.77
CA VAL B 107 -5.35 23.08 -9.56
C VAL B 107 -5.84 22.39 -10.82
N PHE B 108 -7.16 22.39 -11.00
CA PHE B 108 -7.78 21.63 -12.08
C PHE B 108 -7.71 22.34 -13.43
N VAL B 109 -7.28 21.57 -14.43
CA VAL B 109 -7.13 22.00 -15.81
C VAL B 109 -8.07 21.17 -16.69
N ASP B 110 -8.73 21.80 -17.68
CA ASP B 110 -9.72 21.09 -18.52
C ASP B 110 -8.98 20.16 -19.49
N VAL B 111 -9.73 19.29 -20.15
CA VAL B 111 -9.16 18.41 -21.14
C VAL B 111 -9.64 18.76 -22.55
N ASP B 112 -8.81 18.43 -23.53
CA ASP B 112 -9.16 18.52 -24.95
C ASP B 112 -10.40 17.69 -25.25
N PRO B 113 -11.36 18.23 -26.01
CA PRO B 113 -12.61 17.51 -26.30
C PRO B 113 -12.45 16.30 -27.24
N ASP B 114 -11.29 16.13 -27.87
CA ASP B 114 -11.02 14.93 -28.65
C ASP B 114 -10.13 13.88 -27.97
N SER B 115 -9.02 14.32 -27.36
CA SER B 115 -8.07 13.37 -26.74
C SER B 115 -8.41 13.04 -25.31
N TYR B 116 -9.23 13.89 -24.69
CA TYR B 116 -9.57 13.83 -23.29
C TYR B 116 -8.37 13.99 -22.37
N ASN B 117 -7.27 14.52 -22.89
CA ASN B 117 -6.09 14.82 -22.11
C ASN B 117 -5.89 16.30 -21.86
N MET B 118 -5.16 16.60 -20.80
CA MET B 118 -4.90 17.97 -20.37
C MET B 118 -4.70 18.97 -21.52
N ASN B 119 -5.53 20.02 -21.51
CA ASN B 119 -5.45 21.18 -22.44
C ASN B 119 -4.24 22.05 -22.12
N VAL B 120 -3.31 22.10 -23.06
CA VAL B 120 -2.01 22.68 -22.79
C VAL B 120 -2.03 24.21 -22.67
N GLU B 121 -2.92 24.85 -23.43
CA GLU B 121 -3.03 26.31 -23.39
C GLU B 121 -3.58 26.72 -22.04
N GLN B 122 -4.59 25.99 -21.56
CA GLN B 122 -5.23 26.32 -20.30
C GLN B 122 -4.33 26.01 -19.08
N LEU B 123 -3.47 24.99 -19.22
CA LEU B 123 -2.41 24.78 -18.23
C LEU B 123 -1.51 26.02 -18.07
N GLU B 124 -1.06 26.60 -19.19
CA GLU B 124 -0.28 27.87 -19.14
C GLU B 124 -1.04 28.97 -18.44
N ALA B 125 -2.33 29.07 -18.73
CA ALA B 125 -3.17 30.09 -18.10
C ALA B 125 -3.24 29.86 -16.60
N ALA B 126 -3.41 28.60 -16.22
CA ALA B 126 -3.54 28.22 -14.82
C ALA B 126 -2.26 28.53 -14.04
N ILE B 127 -1.11 28.15 -14.60
CA ILE B 127 0.16 28.43 -13.95
C ILE B 127 0.32 29.96 -13.78
N ALA B 128 0.12 30.72 -14.86
CA ALA B 128 0.27 32.16 -14.78
C ALA B 128 -0.68 32.75 -13.73
N ALA B 129 -1.93 32.28 -13.72
CA ALA B 129 -2.93 32.81 -12.82
C ALA B 129 -2.60 32.51 -11.37
N THR B 130 -2.06 31.32 -11.08
CA THR B 130 -1.69 30.96 -9.71
C THR B 130 -0.50 31.83 -9.27
N ILE B 131 0.37 32.18 -10.20
CA ILE B 131 1.51 33.03 -9.86
C ILE B 131 0.93 34.40 -9.58
N LYS B 132 0.12 34.91 -10.51
CA LYS B 132 -0.50 36.24 -10.40
C LYS B 132 -1.27 36.38 -9.10
N GLU B 133 -1.99 35.33 -8.71
CA GLU B 133 -2.75 35.33 -7.45
C GLU B 133 -1.85 35.32 -6.21
N GLY B 134 -0.72 34.62 -6.27
CA GLY B 134 0.26 34.62 -5.17
C GLY B 134 -0.03 33.83 -3.88
N ARG B 135 -1.09 33.04 -3.83
CA ARG B 135 -1.45 32.28 -2.62
C ARG B 135 -0.70 30.95 -2.55
N LEU B 136 -0.56 30.29 -3.70
CA LEU B 136 0.20 29.04 -3.79
C LEU B 136 1.36 29.17 -4.78
N GLU B 137 2.43 28.44 -4.51
CA GLU B 137 3.60 28.36 -5.39
C GLU B 137 3.45 27.17 -6.30
N PRO B 138 3.57 27.37 -7.62
CA PRO B 138 3.51 26.28 -8.57
C PRO B 138 4.71 25.34 -8.39
N LYS B 139 4.44 24.04 -8.25
CA LYS B 139 5.51 23.05 -8.08
C LYS B 139 5.53 21.97 -9.14
N ALA B 140 4.36 21.50 -9.54
CA ALA B 140 4.32 20.33 -10.42
C ALA B 140 3.07 20.25 -11.28
N ILE B 141 3.18 19.37 -12.27
CA ILE B 141 2.12 19.10 -13.20
C ILE B 141 2.03 17.58 -13.30
N ILE B 142 0.80 17.06 -13.32
CA ILE B 142 0.57 15.63 -13.50
C ILE B 142 -0.40 15.44 -14.65
N PRO B 143 0.14 15.43 -15.86
CA PRO B 143 -0.67 15.01 -16.98
C PRO B 143 -1.02 13.54 -16.91
N VAL B 144 -2.19 13.17 -17.42
CA VAL B 144 -2.65 11.78 -17.50
C VAL B 144 -2.68 11.32 -18.96
N ASP B 145 -2.24 10.10 -19.25
CA ASP B 145 -2.40 9.52 -20.56
C ASP B 145 -3.73 8.78 -20.50
N LEU B 146 -4.82 9.52 -20.67
CA LEU B 146 -6.14 8.95 -20.38
C LEU B 146 -6.52 7.90 -21.41
N PHE B 147 -7.07 6.79 -20.92
CA PHE B 147 -7.45 5.64 -21.74
C PHE B 147 -6.31 5.00 -22.55
N GLY B 148 -5.06 5.34 -22.25
CA GLY B 148 -3.90 4.77 -22.96
C GLY B 148 -3.26 5.64 -24.02
N LEU B 149 -3.83 6.82 -24.24
CA LEU B 149 -3.34 7.81 -25.22
C LEU B 149 -2.42 8.79 -24.52
N ALA B 150 -1.21 8.96 -25.04
CA ALA B 150 -0.24 9.87 -24.43
C ALA B 150 -0.74 11.32 -24.48
N ALA B 151 -0.50 12.06 -23.41
CA ALA B 151 -0.72 13.49 -23.41
C ALA B 151 0.30 14.18 -24.31
N SER B 152 0.20 15.51 -24.39
CA SER B 152 1.03 16.33 -25.29
CA SER B 152 1.03 16.32 -25.29
C SER B 152 2.35 16.75 -24.64
N TYR B 153 3.27 15.81 -24.55
CA TYR B 153 4.50 16.06 -23.81
C TYR B 153 5.51 17.07 -24.37
N ASN B 154 5.60 17.26 -25.68
CA ASN B 154 6.54 18.27 -26.17
C ASN B 154 6.18 19.62 -25.55
N ARG B 155 4.92 20.01 -25.66
CA ARG B 155 4.43 21.29 -25.16
C ARG B 155 4.48 21.38 -23.64
N ILE B 156 4.08 20.31 -22.98
CA ILE B 156 4.06 20.33 -21.53
C ILE B 156 5.49 20.41 -20.97
N THR B 157 6.41 19.66 -21.56
CA THR B 157 7.81 19.68 -21.12
C THR B 157 8.42 21.07 -21.27
N ALA B 158 8.10 21.74 -22.37
CA ALA B 158 8.68 23.07 -22.63
C ALA B 158 8.16 24.09 -21.60
N ILE B 159 6.85 24.00 -21.32
CA ILE B 159 6.22 24.82 -20.32
C ILE B 159 6.86 24.62 -18.92
N ALA B 160 7.10 23.36 -18.57
CA ALA B 160 7.61 23.02 -17.24
C ALA B 160 9.05 23.52 -17.04
N GLU B 161 9.87 23.35 -18.08
CA GLU B 161 11.25 23.85 -18.15
C GLU B 161 11.27 25.36 -17.93
N ARG B 162 10.42 26.06 -18.68
CA ARG B 162 10.27 27.50 -18.57
C ARG B 162 9.84 27.91 -17.16
N GLU B 163 8.89 27.18 -16.58
CA GLU B 163 8.33 27.56 -15.28
C GLU B 163 9.00 26.89 -14.07
N GLY B 164 10.00 26.04 -14.30
CA GLY B 164 10.70 25.38 -13.21
C GLY B 164 9.84 24.37 -12.46
N LEU B 165 8.95 23.71 -13.17
CA LEU B 165 8.02 22.73 -12.58
C LEU B 165 8.41 21.29 -12.87
N PHE B 166 8.03 20.40 -11.94
CA PHE B 166 8.28 18.97 -11.99
C PHE B 166 7.11 18.30 -12.68
N ILE B 167 7.38 17.38 -13.62
CA ILE B 167 6.31 16.66 -14.34
C ILE B 167 6.34 15.21 -13.91
N ILE B 168 5.21 14.74 -13.40
CA ILE B 168 4.97 13.32 -13.12
C ILE B 168 3.95 12.85 -14.17
N GLU B 169 4.36 11.92 -15.04
CA GLU B 169 3.46 11.34 -16.03
C GLU B 169 2.57 10.28 -15.37
N ASP B 170 1.27 10.52 -15.38
CA ASP B 170 0.36 9.51 -14.87
C ASP B 170 0.04 8.54 -16.00
N ALA B 171 0.85 7.48 -16.05
CA ALA B 171 0.71 6.42 -17.03
C ALA B 171 -0.01 5.22 -16.46
N ALA B 172 -0.96 5.44 -15.55
CA ALA B 172 -1.72 4.32 -15.03
C ALA B 172 -2.34 3.48 -16.16
N GLN B 173 -2.77 4.13 -17.23
CA GLN B 173 -3.59 3.48 -18.24
C GLN B 173 -2.86 3.32 -19.57
N SER B 174 -1.58 3.64 -19.60
CA SER B 174 -0.87 3.78 -20.87
C SER B 174 0.39 2.92 -21.10
N ILE B 175 0.66 1.94 -20.25
CA ILE B 175 1.79 1.06 -20.53
C ILE B 175 1.49 0.25 -21.81
N GLY B 176 2.42 0.31 -22.76
CA GLY B 176 2.23 -0.24 -24.09
C GLY B 176 1.98 0.86 -25.10
N GLY B 177 1.50 2.01 -24.63
CA GLY B 177 1.30 3.17 -25.51
C GLY B 177 2.61 3.83 -25.88
N LYS B 178 2.64 4.50 -27.02
CA LYS B 178 3.85 5.14 -27.54
C LYS B 178 3.42 6.43 -28.25
N ARG B 179 4.33 7.40 -28.28
CA ARG B 179 4.17 8.63 -29.03
C ARG B 179 5.52 9.01 -29.64
N ASP B 180 5.62 9.00 -30.97
CA ASP B 180 6.88 9.30 -31.65
C ASP B 180 8.05 8.45 -31.15
N ASN B 181 7.82 7.14 -31.06
CA ASN B 181 8.85 6.19 -30.63
C ASN B 181 9.33 6.41 -29.18
N VAL B 182 8.58 7.18 -28.38
CA VAL B 182 8.85 7.29 -26.96
C VAL B 182 7.75 6.52 -26.27
N MET B 183 8.13 5.64 -25.35
CA MET B 183 7.16 4.82 -24.63
C MET B 183 6.48 5.61 -23.51
N CYS B 184 5.17 5.45 -23.37
CA CYS B 184 4.46 5.97 -22.23
C CYS B 184 5.11 5.38 -20.97
N GLY B 185 5.39 6.25 -20.01
CA GLY B 185 6.11 5.94 -18.81
C GLY B 185 7.45 6.64 -18.79
N ALA B 186 7.94 7.02 -19.96
CA ALA B 186 9.27 7.61 -20.12
C ALA B 186 9.24 9.13 -20.31
N PHE B 187 8.05 9.74 -20.22
CA PHE B 187 7.90 11.20 -20.30
C PHE B 187 8.05 11.93 -18.95
N GLY B 188 8.28 13.24 -19.00
CA GLY B 188 8.43 14.02 -17.77
C GLY B 188 9.67 13.63 -17.01
N HIS B 189 9.75 14.08 -15.76
CA HIS B 189 10.89 13.76 -14.89
C HIS B 189 10.79 12.34 -14.32
N VAL B 190 9.55 11.88 -14.19
CA VAL B 190 9.27 10.56 -13.60
C VAL B 190 7.90 10.13 -14.11
N GLY B 191 7.73 8.83 -14.33
CA GLY B 191 6.45 8.29 -14.69
C GLY B 191 5.91 7.34 -13.66
N ALA B 192 4.59 7.16 -13.65
CA ALA B 192 3.95 6.31 -12.69
C ALA B 192 2.91 5.45 -13.39
N THR B 193 2.76 4.22 -12.93
CA THR B 193 1.70 3.35 -13.42
C THR B 193 1.09 2.48 -12.33
N SER B 194 -0.06 1.93 -12.72
CA SER B 194 -0.84 0.96 -12.00
C SER B 194 -0.78 -0.41 -12.68
N PHE B 195 -0.68 -1.46 -11.86
CA PHE B 195 -0.89 -2.84 -12.28
C PHE B 195 -2.19 -3.41 -11.76
N TYR B 196 -3.14 -2.55 -11.42
CA TYR B 196 -4.49 -2.99 -11.17
C TYR B 196 -4.95 -3.96 -12.27
N PRO B 197 -5.69 -5.07 -11.92
CA PRO B 197 -5.83 -6.21 -12.85
C PRO B 197 -6.38 -5.87 -14.25
N ALA B 198 -7.21 -4.82 -14.33
CA ALA B 198 -7.84 -4.45 -15.61
C ALA B 198 -7.00 -3.51 -16.50
N LYS B 199 -5.87 -3.00 -15.99
CA LYS B 199 -5.05 -2.10 -16.81
C LYS B 199 -4.40 -2.92 -17.93
N PRO B 200 -3.96 -2.27 -18.99
CA PRO B 200 -3.33 -2.99 -20.13
C PRO B 200 -2.16 -3.90 -19.74
N LEU B 201 -1.36 -3.48 -18.76
CA LEU B 201 -0.44 -4.38 -18.10
C LEU B 201 -0.92 -4.43 -16.63
N GLY B 202 -1.40 -5.60 -16.25
CA GLY B 202 -2.01 -5.81 -14.94
C GLY B 202 -1.57 -7.07 -14.26
N CYS B 203 -1.62 -7.04 -12.92
CA CYS B 203 -1.34 -8.21 -12.12
C CYS B 203 -2.63 -8.79 -11.53
N TYR B 204 -2.48 -9.68 -10.55
CA TYR B 204 -3.60 -10.37 -9.90
C TYR B 204 -3.76 -9.91 -8.43
N GLY B 205 -3.83 -8.60 -8.29
CA GLY B 205 -3.91 -7.90 -6.99
C GLY B 205 -3.60 -6.45 -7.27
N ASP B 206 -3.23 -5.70 -6.23
CA ASP B 206 -2.75 -4.36 -6.43
C ASP B 206 -1.21 -4.35 -6.68
N GLY B 207 -0.78 -3.46 -7.55
CA GLY B 207 0.66 -3.26 -7.85
C GLY B 207 0.85 -1.99 -8.58
N GLY B 208 2.11 -1.50 -8.63
CA GLY B 208 2.43 -0.27 -9.39
C GLY B 208 3.93 -0.19 -9.66
N ALA B 209 4.34 0.87 -10.31
CA ALA B 209 5.74 1.16 -10.54
C ALA B 209 5.94 2.61 -10.92
N MET B 210 7.17 3.07 -10.72
CA MET B 210 7.65 4.38 -11.12
C MET B 210 8.84 4.22 -12.03
N PHE B 211 9.00 5.20 -12.93
CA PHE B 211 10.01 5.14 -14.00
C PHE B 211 10.78 6.44 -14.02
N THR B 212 12.09 6.40 -14.15
CA THR B 212 12.86 7.64 -14.34
C THR B 212 14.23 7.37 -14.90
N ASN B 213 14.82 8.38 -15.56
CA ASN B 213 16.22 8.30 -15.96
C ASN B 213 17.14 8.99 -14.98
N ASP B 214 16.58 9.59 -13.93
CA ASP B 214 17.38 10.30 -12.92
C ASP B 214 17.80 9.32 -11.82
N ALA B 215 19.09 8.97 -11.78
CA ALA B 215 19.55 7.96 -10.80
C ALA B 215 19.31 8.38 -9.35
N GLU B 216 19.43 9.69 -9.08
CA GLU B 216 19.30 10.19 -7.72
C GLU B 216 17.85 10.08 -7.23
N LEU B 217 16.92 10.49 -8.09
CA LEU B 217 15.52 10.36 -7.85
C LEU B 217 15.15 8.89 -7.64
N ALA B 218 15.66 7.98 -8.49
CA ALA B 218 15.39 6.55 -8.32
C ALA B 218 15.81 6.05 -6.94
N ASP B 219 17.00 6.45 -6.48
CA ASP B 219 17.49 6.02 -5.17
CA ASP B 219 17.49 6.04 -5.18
C ASP B 219 16.58 6.56 -4.06
N THR B 220 16.15 7.82 -4.20
CA THR B 220 15.32 8.43 -3.20
C THR B 220 13.93 7.74 -3.15
N LEU B 221 13.40 7.41 -4.32
CA LEU B 221 12.14 6.65 -4.38
C LEU B 221 12.21 5.25 -3.72
N ARG B 222 13.33 4.56 -3.92
CA ARG B 222 13.58 3.28 -3.25
C ARG B 222 13.70 3.43 -1.75
N SER B 223 14.16 4.58 -1.29
CA SER B 223 14.14 4.87 0.12
C SER B 223 12.72 5.14 0.63
N VAL B 224 12.01 6.02 -0.04
CA VAL B 224 10.65 6.36 0.41
C VAL B 224 9.72 5.13 0.52
N LEU B 225 9.82 4.20 -0.42
CA LEU B 225 8.88 3.07 -0.43
C LEU B 225 9.17 2.07 0.68
N PHE B 226 10.33 2.22 1.34
CA PHE B 226 10.64 1.43 2.50
C PHE B 226 10.99 2.32 3.70
N HIS B 227 9.98 3.11 4.11
CA HIS B 227 10.05 3.96 5.32
C HIS B 227 11.18 4.94 5.35
N GLY B 228 11.62 5.40 4.19
CA GLY B 228 12.66 6.43 4.14
C GLY B 228 14.04 5.96 4.54
N LYS B 229 14.35 4.71 4.23
CA LYS B 229 15.64 4.10 4.62
C LYS B 229 16.80 4.95 4.14
N GLY B 230 17.81 5.07 4.98
CA GLY B 230 19.03 5.77 4.62
C GLY B 230 19.98 4.81 3.96
N GLU B 231 21.25 5.17 3.99
CA GLU B 231 22.28 4.30 3.41
C GLU B 231 22.50 3.02 4.22
N THR B 232 22.04 2.97 5.47
CA THR B 232 22.10 1.76 6.27
C THR B 232 20.74 1.16 6.49
N GLN B 233 20.76 0.05 7.22
CA GLN B 233 19.57 -0.75 7.54
C GLN B 233 18.85 -0.23 8.80
N TYR B 234 19.51 0.63 9.55
CA TYR B 234 19.05 0.94 10.88
C TYR B 234 18.75 2.42 11.15
N ASP B 235 18.81 3.26 10.13
CA ASP B 235 18.56 4.69 10.32
C ASP B 235 17.80 5.26 9.17
N ASN B 236 16.51 5.49 9.35
CA ASN B 236 15.73 6.16 8.37
C ASN B 236 16.04 7.66 8.34
N VAL B 237 16.14 8.22 7.13
CA VAL B 237 16.54 9.60 7.01
C VAL B 237 15.44 10.53 6.52
N ARG B 238 14.31 9.97 6.12
CA ARG B 238 13.21 10.77 5.65
C ARG B 238 11.92 10.02 6.02
N ILE B 239 10.80 10.73 5.94
CA ILE B 239 9.50 10.08 6.12
C ILE B 239 9.21 9.29 4.85
N GLY B 240 8.71 8.07 5.00
CA GLY B 240 8.31 7.26 3.87
C GLY B 240 7.01 6.54 4.14
N ILE B 241 6.81 5.44 3.41
CA ILE B 241 5.59 4.62 3.48
C ILE B 241 6.04 3.16 3.32
N ASN B 242 5.07 2.25 3.26
CA ASN B 242 5.38 0.86 2.92
C ASN B 242 4.72 0.64 1.57
N SER B 243 5.52 0.65 0.50
CA SER B 243 4.95 0.50 -0.84
C SER B 243 5.76 -0.42 -1.75
N ARG B 244 5.48 -1.72 -1.65
CA ARG B 244 6.22 -2.76 -2.36
C ARG B 244 5.31 -3.56 -3.26
N LEU B 245 5.90 -4.00 -4.37
CA LEU B 245 5.27 -4.93 -5.29
C LEU B 245 5.59 -6.33 -4.80
N ASP B 246 4.59 -7.10 -4.45
CA ASP B 246 4.82 -8.48 -3.92
C ASP B 246 5.57 -9.35 -4.93
N THR B 247 6.45 -10.22 -4.47
CA THR B 247 7.14 -11.17 -5.34
C THR B 247 6.15 -11.95 -6.21
N ILE B 248 5.06 -12.38 -5.59
CA ILE B 248 4.07 -13.16 -6.33
C ILE B 248 3.48 -12.39 -7.50
N GLN B 249 3.28 -11.09 -7.33
CA GLN B 249 2.72 -10.27 -8.39
C GLN B 249 3.75 -9.93 -9.46
N ALA B 250 4.99 -9.71 -9.07
CA ALA B 250 6.08 -9.60 -10.06
C ALA B 250 6.18 -10.81 -10.97
N ALA B 251 5.94 -12.00 -10.40
CA ALA B 251 6.03 -13.20 -11.15
C ALA B 251 4.93 -13.26 -12.20
N VAL B 252 3.72 -12.85 -11.82
CA VAL B 252 2.60 -12.72 -12.74
C VAL B 252 2.91 -11.71 -13.81
N LEU B 253 3.47 -10.57 -13.40
CA LEU B 253 3.72 -9.46 -14.31
C LEU B 253 4.78 -9.79 -15.38
N LEU B 254 5.76 -10.63 -15.03
CA LEU B 254 6.76 -11.07 -16.00
C LEU B 254 6.10 -11.81 -17.15
N GLU B 255 5.11 -12.61 -16.83
CA GLU B 255 4.39 -13.37 -17.85
C GLU B 255 3.49 -12.50 -18.69
N LYS B 256 2.87 -11.51 -18.03
CA LYS B 256 2.04 -10.54 -18.70
C LYS B 256 2.84 -9.70 -19.66
N LEU B 257 4.02 -9.27 -19.23
CA LEU B 257 4.89 -8.43 -20.05
C LEU B 257 5.35 -9.16 -21.31
N ALA B 258 5.58 -10.47 -21.21
CA ALA B 258 6.10 -11.25 -22.35
C ALA B 258 5.14 -11.36 -23.52
N ILE B 259 3.86 -11.07 -23.30
CA ILE B 259 2.88 -11.03 -24.38
C ILE B 259 2.30 -9.64 -24.63
N LEU B 260 2.76 -8.65 -23.89
CA LEU B 260 2.20 -7.30 -24.00
C LEU B 260 2.36 -6.68 -25.40
N GLU B 261 3.52 -6.85 -26.04
CA GLU B 261 3.74 -6.16 -27.33
C GLU B 261 2.72 -6.71 -28.35
N ASP B 262 2.54 -8.02 -28.37
CA ASP B 262 1.57 -8.68 -29.25
C ASP B 262 0.16 -8.21 -28.93
N GLU B 263 -0.15 -8.10 -27.64
CA GLU B 263 -1.45 -7.59 -27.21
C GLU B 263 -1.68 -6.14 -27.63
N MET B 264 -0.62 -5.33 -27.63
CA MET B 264 -0.73 -3.95 -28.12
C MET B 264 -1.05 -3.92 -29.61
N GLU B 265 -0.46 -4.83 -30.37
CA GLU B 265 -0.79 -4.89 -31.79
C GLU B 265 -2.27 -5.30 -31.96
N ALA B 266 -2.70 -6.24 -31.14
CA ALA B 266 -4.09 -6.70 -31.20
C ALA B 266 -5.06 -5.58 -30.82
N ARG B 267 -4.73 -4.82 -29.77
CA ARG B 267 -5.57 -3.69 -29.37
C ARG B 267 -5.63 -2.64 -30.49
N ASP B 268 -4.50 -2.36 -31.13
CA ASP B 268 -4.51 -1.40 -32.23
C ASP B 268 -5.46 -1.83 -33.33
N ARG B 269 -5.38 -3.11 -33.69
CA ARG B 269 -6.23 -3.68 -34.72
C ARG B 269 -7.71 -3.61 -34.34
N ILE B 270 -8.02 -3.99 -33.12
CA ILE B 270 -9.40 -4.00 -32.63
C ILE B 270 -9.99 -2.56 -32.60
N ALA B 271 -9.21 -1.59 -32.13
CA ALA B 271 -9.71 -0.21 -32.04
C ALA B 271 -9.90 0.39 -33.42
N ARG B 272 -9.01 0.09 -34.35
CA ARG B 272 -9.13 0.66 -35.72
C ARG B 272 -10.37 0.13 -36.42
N ARG B 273 -10.67 -1.14 -36.20
CA ARG B 273 -11.88 -1.75 -36.75
C ARG B 273 -13.15 -1.18 -36.14
N TYR B 274 -13.13 -0.89 -34.85
CA TYR B 274 -14.23 -0.16 -34.20
C TYR B 274 -14.40 1.25 -34.83
N ASN B 275 -13.31 1.99 -34.96
CA ASN B 275 -13.38 3.39 -35.45
C ASN B 275 -13.95 3.47 -36.86
N GLU B 276 -13.52 2.54 -37.71
CA GLU B 276 -13.97 2.50 -39.10
C GLU B 276 -15.44 2.16 -39.26
N ALA B 277 -15.95 1.31 -38.38
CA ALA B 277 -17.34 0.85 -38.46
C ALA B 277 -18.31 1.74 -37.69
N LEU B 278 -17.81 2.58 -36.78
CA LEU B 278 -18.71 3.42 -35.96
C LEU B 278 -18.60 4.92 -36.27
N LYS B 279 -17.57 5.29 -37.03
CA LYS B 279 -17.27 6.66 -37.47
C LYS B 279 -18.47 7.57 -37.72
N ASP B 280 -19.47 7.02 -38.40
CA ASP B 280 -20.57 7.81 -38.94
C ASP B 280 -21.80 7.85 -38.03
N VAL B 281 -21.80 7.05 -36.96
CA VAL B 281 -22.96 6.98 -36.04
C VAL B 281 -22.65 7.57 -34.67
N VAL B 282 -21.38 7.55 -34.30
CA VAL B 282 -20.91 8.13 -33.05
C VAL B 282 -19.53 8.77 -33.24
N LYS B 283 -19.14 9.55 -32.24
CA LYS B 283 -17.85 10.17 -32.21
C LYS B 283 -16.86 9.12 -31.72
N VAL B 284 -15.80 8.89 -32.48
CA VAL B 284 -14.85 7.83 -32.17
C VAL B 284 -13.44 8.34 -31.82
N PRO B 285 -12.70 7.59 -31.01
CA PRO B 285 -11.40 8.09 -30.60
C PRO B 285 -10.34 7.85 -31.67
N GLU B 286 -10.11 8.85 -32.52
CA GLU B 286 -9.16 8.71 -33.59
C GLU B 286 -7.74 8.67 -33.01
N LEU B 287 -6.91 7.84 -33.62
CA LEU B 287 -5.51 7.76 -33.25
C LEU B 287 -4.74 8.84 -33.97
N PRO B 288 -4.15 9.78 -33.22
CA PRO B 288 -3.29 10.71 -33.98
C PRO B 288 -2.08 9.99 -34.58
N ALA B 289 -1.60 10.48 -35.71
CA ALA B 289 -0.43 9.89 -36.33
C ALA B 289 0.73 9.87 -35.35
N GLY B 290 1.61 8.88 -35.47
CA GLY B 290 2.77 8.77 -34.61
C GLY B 290 2.44 8.29 -33.20
N ASN B 291 1.20 7.83 -32.97
CA ASN B 291 0.79 7.33 -31.66
C ASN B 291 0.30 5.90 -31.75
N ARG B 292 0.66 5.14 -30.73
CA ARG B 292 -0.06 3.95 -30.40
C ARG B 292 -0.61 4.14 -29.00
N SER B 293 -1.91 3.92 -28.86
CA SER B 293 -2.56 4.02 -27.57
C SER B 293 -2.56 2.65 -26.93
N ALA B 294 -2.53 2.61 -25.60
CA ALA B 294 -2.65 1.33 -24.90
C ALA B 294 -4.10 0.84 -24.84
N TRP B 295 -5.05 1.70 -25.18
CA TRP B 295 -6.48 1.35 -25.20
C TRP B 295 -6.94 0.71 -23.91
N ALA B 296 -6.51 1.29 -22.78
CA ALA B 296 -7.06 0.92 -21.49
C ALA B 296 -8.57 0.90 -21.59
N GLN B 297 -9.11 1.88 -22.31
CA GLN B 297 -10.53 1.91 -22.60
C GLN B 297 -10.70 2.35 -24.04
N TYR B 298 -11.82 1.94 -24.65
CA TYR B 298 -12.21 2.41 -25.96
C TYR B 298 -13.43 3.29 -25.75
N SER B 299 -13.23 4.60 -25.84
CA SER B 299 -14.25 5.56 -25.44
C SER B 299 -14.82 6.35 -26.65
N ILE B 300 -16.13 6.30 -26.81
CA ILE B 300 -16.88 7.03 -27.84
C ILE B 300 -17.76 8.08 -27.19
N GLU B 301 -18.36 8.94 -28.01
CA GLU B 301 -19.46 9.80 -27.57
C GLU B 301 -20.68 9.58 -28.45
N SER B 302 -21.86 9.59 -27.85
CA SER B 302 -23.11 9.33 -28.57
C SER B 302 -24.27 10.18 -28.11
N GLU B 303 -25.11 10.57 -29.07
CA GLU B 303 -26.43 11.17 -28.77
C GLU B 303 -27.19 10.11 -27.97
N ASN B 304 -28.05 10.55 -27.06
CA ASN B 304 -28.77 9.65 -26.14
C ASN B 304 -27.90 8.49 -25.63
N ARG B 305 -26.76 8.84 -25.07
CA ARG B 305 -25.83 7.84 -24.50
C ARG B 305 -26.51 6.91 -23.51
N ASP B 306 -27.40 7.46 -22.69
CA ASP B 306 -28.08 6.61 -21.70
C ASP B 306 -28.92 5.53 -22.41
N GLY B 307 -29.69 5.93 -23.43
CA GLY B 307 -30.43 4.98 -24.25
C GLY B 307 -29.55 3.93 -24.90
N LEU B 308 -28.38 4.36 -25.39
CA LEU B 308 -27.42 3.47 -26.02
C LEU B 308 -26.92 2.41 -25.04
N LYS B 309 -26.50 2.88 -23.87
CA LYS B 309 -25.98 2.00 -22.80
C LYS B 309 -27.01 0.94 -22.37
N ALA B 310 -28.24 1.37 -22.14
CA ALA B 310 -29.35 0.46 -21.83
C ALA B 310 -29.57 -0.53 -22.98
N GLN B 311 -29.53 -0.05 -24.22
CA GLN B 311 -29.75 -0.94 -25.35
C GLN B 311 -28.64 -1.99 -25.46
N LEU B 312 -27.39 -1.55 -25.35
CA LEU B 312 -26.29 -2.50 -25.31
C LEU B 312 -26.51 -3.53 -24.20
N GLN B 313 -26.91 -3.06 -23.02
CA GLN B 313 -27.10 -3.92 -21.85
C GLN B 313 -28.26 -4.91 -22.07
N ALA B 314 -29.37 -4.44 -22.63
CA ALA B 314 -30.47 -5.33 -23.03
C ALA B 314 -30.02 -6.45 -23.96
N GLU B 315 -28.99 -6.19 -24.77
CA GLU B 315 -28.45 -7.19 -25.69
C GLU B 315 -27.22 -7.94 -25.13
N GLY B 316 -26.98 -7.82 -23.83
CA GLY B 316 -25.97 -8.63 -23.16
C GLY B 316 -24.54 -8.10 -23.29
N ILE B 317 -24.42 -6.81 -23.59
CA ILE B 317 -23.14 -6.18 -23.85
C ILE B 317 -22.88 -5.15 -22.77
N PRO B 318 -21.81 -5.35 -21.97
CA PRO B 318 -21.53 -4.38 -20.93
C PRO B 318 -20.87 -3.11 -21.49
N SER B 319 -21.08 -1.98 -20.82
CA SER B 319 -20.35 -0.75 -21.11
C SER B 319 -20.33 0.09 -19.84
N VAL B 320 -19.42 1.05 -19.79
CA VAL B 320 -19.14 1.77 -18.54
C VAL B 320 -18.84 3.21 -18.85
N ILE B 321 -19.34 4.13 -18.02
CA ILE B 321 -19.15 5.55 -18.24
C ILE B 321 -17.92 6.02 -17.44
N TYR B 322 -16.85 6.36 -18.16
CA TYR B 322 -15.68 6.98 -17.51
C TYR B 322 -15.60 8.42 -18.07
N TYR B 323 -15.86 9.45 -17.27
CA TYR B 323 -16.17 9.37 -15.83
C TYR B 323 -17.47 10.07 -15.58
N VAL B 324 -18.20 9.58 -14.57
CA VAL B 324 -19.55 10.07 -14.30
C VAL B 324 -19.52 11.46 -13.66
N LYS B 325 -18.54 11.67 -12.78
CA LYS B 325 -18.43 12.93 -12.07
C LYS B 325 -16.97 13.38 -12.09
N PRO B 326 -16.66 14.48 -12.80
CA PRO B 326 -15.29 14.98 -12.78
C PRO B 326 -14.86 15.37 -11.38
N LEU B 327 -13.56 15.37 -11.16
CA LEU B 327 -13.05 15.51 -9.82
C LEU B 327 -13.42 16.84 -9.18
N HIS B 328 -13.38 17.91 -9.96
CA HIS B 328 -13.64 19.26 -9.41
C HIS B 328 -15.06 19.43 -8.90
N LEU B 329 -15.96 18.53 -9.29
CA LEU B 329 -17.31 18.57 -8.78
C LEU B 329 -17.51 17.62 -7.60
N GLN B 330 -16.57 16.71 -7.37
CA GLN B 330 -16.70 15.79 -6.25
C GLN B 330 -16.47 16.47 -4.91
N THR B 331 -17.23 16.01 -3.93
CA THR B 331 -17.25 16.61 -2.57
C THR B 331 -15.87 16.84 -1.98
N ALA B 332 -15.00 15.85 -2.14
CA ALA B 332 -13.68 15.88 -1.58
C ALA B 332 -12.76 16.95 -2.20
N TYR B 333 -13.04 17.37 -3.45
CA TYR B 333 -12.10 18.23 -4.18
C TYR B 333 -12.75 19.52 -4.69
N LYS B 334 -14.05 19.68 -4.45
CA LYS B 334 -14.81 20.80 -5.01
C LYS B 334 -14.38 22.20 -4.54
N HIS B 335 -13.64 22.28 -3.45
CA HIS B 335 -13.19 23.55 -2.89
C HIS B 335 -11.84 24.01 -3.46
N TYR B 336 -11.19 23.19 -4.28
CA TYR B 336 -9.91 23.56 -4.89
C TYR B 336 -10.10 24.44 -6.13
N SER B 337 -9.04 25.16 -6.51
CA SER B 337 -9.06 26.14 -7.61
CA SER B 337 -9.13 26.14 -7.60
C SER B 337 -9.15 25.50 -8.98
N VAL B 338 -9.69 26.25 -9.93
CA VAL B 338 -9.85 25.78 -11.30
C VAL B 338 -9.22 26.78 -12.27
N ALA B 339 -8.72 26.29 -13.40
CA ALA B 339 -8.03 27.14 -14.36
C ALA B 339 -8.95 28.20 -14.96
N PRO B 340 -8.38 29.38 -15.37
CA PRO B 340 -9.17 30.46 -15.94
C PRO B 340 -10.04 29.96 -17.08
N GLY B 341 -11.32 30.28 -17.05
CA GLY B 341 -12.25 29.85 -18.09
C GLY B 341 -13.13 28.69 -17.67
N GLY B 342 -12.71 27.95 -16.66
CA GLY B 342 -13.51 26.82 -16.19
C GLY B 342 -13.25 25.54 -16.96
N LEU B 343 -14.10 24.54 -16.73
CA LEU B 343 -13.86 23.20 -17.24
C LEU B 343 -15.13 22.66 -17.89
N PRO B 344 -15.59 23.32 -18.97
CA PRO B 344 -16.84 22.94 -19.61
C PRO B 344 -16.73 21.64 -20.37
N VAL B 345 -15.54 21.31 -20.85
CA VAL B 345 -15.36 20.03 -21.53
C VAL B 345 -15.48 18.90 -20.48
N SER B 346 -14.78 19.06 -19.36
CA SER B 346 -14.87 18.06 -18.28
C SER B 346 -16.29 17.96 -17.71
N GLU B 347 -17.05 19.06 -17.77
CA GLU B 347 -18.39 19.07 -17.21
C GLU B 347 -19.47 18.50 -18.14
N SER B 348 -19.24 18.51 -19.44
CA SER B 348 -20.23 17.97 -20.39
C SER B 348 -19.93 16.53 -20.87
N LEU B 349 -18.66 16.11 -20.82
CA LEU B 349 -18.33 14.76 -21.25
C LEU B 349 -19.13 13.67 -20.57
N PRO B 350 -19.44 13.81 -19.26
CA PRO B 350 -20.21 12.74 -18.63
C PRO B 350 -21.62 12.51 -19.18
N SER B 351 -22.16 13.43 -19.97
CA SER B 351 -23.51 13.21 -20.49
C SER B 351 -23.50 12.41 -21.79
N ARG B 352 -22.32 12.25 -22.40
CA ARG B 352 -22.26 11.61 -23.71
C ARG B 352 -21.18 10.54 -23.94
N ILE B 353 -20.14 10.48 -23.10
CA ILE B 353 -19.05 9.51 -23.25
C ILE B 353 -19.49 8.12 -22.81
N LEU B 354 -18.92 7.09 -23.42
CA LEU B 354 -19.18 5.71 -23.03
C LEU B 354 -18.05 4.81 -23.49
N SER B 355 -17.60 3.90 -22.62
CA SER B 355 -16.53 2.97 -22.97
C SER B 355 -17.07 1.59 -23.30
N LEU B 356 -16.54 0.98 -24.35
CA LEU B 356 -17.07 -0.30 -24.89
C LEU B 356 -16.14 -1.42 -24.53
N PRO B 357 -16.57 -2.69 -24.65
CA PRO B 357 -15.62 -3.77 -24.40
C PRO B 357 -14.33 -3.66 -25.21
N MET B 358 -13.19 -3.73 -24.52
CA MET B 358 -11.92 -3.54 -25.17
C MET B 358 -10.86 -4.36 -24.44
N HIS B 359 -10.29 -5.32 -25.15
CA HIS B 359 -9.21 -6.15 -24.66
C HIS B 359 -8.62 -6.90 -25.85
N PRO B 360 -7.42 -7.48 -25.70
CA PRO B 360 -6.74 -8.08 -26.87
C PRO B 360 -7.40 -9.34 -27.49
N TYR B 361 -8.40 -9.88 -26.79
CA TYR B 361 -9.02 -11.18 -27.13
C TYR B 361 -10.46 -11.00 -27.60
N LEU B 362 -10.87 -9.76 -27.83
CA LEU B 362 -12.22 -9.49 -28.37
C LEU B 362 -12.37 -10.18 -29.73
N SER B 363 -13.34 -11.09 -29.84
CA SER B 363 -13.51 -11.86 -31.08
C SER B 363 -14.16 -10.99 -32.14
N GLU B 364 -13.90 -11.31 -33.39
CA GLU B 364 -14.61 -10.69 -34.51
C GLU B 364 -16.13 -10.78 -34.28
N ALA B 365 -16.59 -11.93 -33.78
CA ALA B 365 -18.02 -12.15 -33.59
C ALA B 365 -18.60 -11.24 -32.51
N ASP B 366 -17.88 -11.10 -31.41
CA ASP B 366 -18.33 -10.21 -30.35
C ASP B 366 -18.28 -8.74 -30.81
N GLN B 367 -17.21 -8.35 -31.48
CA GLN B 367 -17.10 -6.98 -31.98
C GLN B 367 -18.18 -6.67 -33.01
N ASP B 368 -18.45 -7.59 -33.91
CA ASP B 368 -19.52 -7.39 -34.91
C ASP B 368 -20.85 -7.15 -34.20
N LYS B 369 -21.17 -7.96 -33.19
CA LYS B 369 -22.42 -7.81 -32.44
C LYS B 369 -22.54 -6.41 -31.83
N ILE B 370 -21.48 -6.00 -31.12
CA ILE B 370 -21.40 -4.68 -30.49
C ILE B 370 -21.62 -3.58 -31.50
N ILE B 371 -20.89 -3.66 -32.60
CA ILE B 371 -21.00 -2.71 -33.69
C ILE B 371 -22.44 -2.66 -34.24
N GLY B 372 -23.00 -3.82 -34.56
CA GLY B 372 -24.38 -3.96 -35.04
C GLY B 372 -25.39 -3.26 -34.15
N VAL B 373 -25.26 -3.42 -32.84
CA VAL B 373 -26.21 -2.83 -31.88
C VAL B 373 -26.12 -1.30 -31.88
N ILE B 374 -24.91 -0.78 -31.91
CA ILE B 374 -24.70 0.67 -31.87
C ILE B 374 -25.22 1.31 -33.16
N ARG B 375 -24.94 0.69 -34.31
CA ARG B 375 -25.41 1.18 -35.61
C ARG B 375 -26.94 1.07 -35.74
N GLY B 376 -27.48 -0.03 -35.22
CA GLY B 376 -28.93 -0.25 -35.15
C GLY B 376 -29.60 0.81 -34.31
N PHE B 377 -29.07 1.05 -33.12
CA PHE B 377 -29.55 2.13 -32.26
C PHE B 377 -29.63 3.48 -32.97
N HIS B 378 -28.69 3.74 -33.89
CA HIS B 378 -28.65 5.01 -34.60
C HIS B 378 -29.23 4.92 -36.02
N GLY B 379 -30.00 3.87 -36.29
CA GLY B 379 -30.78 3.73 -37.53
C GLY B 379 -30.11 3.11 -38.75
N LYS B 380 -28.86 2.69 -38.65
CA LYS B 380 -28.09 2.24 -39.82
C LYS B 380 -28.32 0.77 -40.19
#